data_5CW4
#
_entry.id   5CW4
#
_cell.length_a   50.106
_cell.length_b   116.287
_cell.length_c   231.538
_cell.angle_alpha   90.000
_cell.angle_beta   90.000
_cell.angle_gamma   90.000
#
_symmetry.space_group_name_H-M   'P 21 21 21'
#
loop_
_entity.id
_entity.type
_entity.pdbx_description
1 polymer 'BRCA1/BRCA2-containing complex subunit 3'
2 polymer 'Protein FAM175B'
3 non-polymer 'ZINC ION'
4 non-polymer GLYCEROL
5 water water
#
loop_
_entity_poly.entity_id
_entity_poly.type
_entity_poly.pdbx_seq_one_letter_code
_entity_poly.pdbx_strand_id
1 'polypeptide(L)'
;GA(MSE)DDSSLQKVELQTDVY(MSE)VCLQHALSTENFEV(MSE)GLLIGNFACGIAKISAVIILRRLDKKKDRVEISS
EQLLKAAAEAERLTVELNRP(MSE)RVLGWYHSHPHITVCPSHVDVRTQATYQT(MSE)DHSFVGLIFSVFSEGKESKEH
EIFLNCFQSDNGEATEIPLEIVHTPDISDRCLRT(MSE)TDLSKILVQEEED(MSE)AEACKDHPDVLASIHNNAVRTRA
LIHITDIITKPLVQTFEKRIALNKLRATHLQRQLQELQK(MSE)CNG
;
A,C
2 'polypeptide(L)'
;(MSE)ADSDLLVTISGAALSLLFFENVRSVGNQ(MSE)GFLLGEALEFIVKTYTDSDNQVETVKIHINVEAIVTCPLADL
LHDSTNHINKEKLKDFVRDKSKQVIGWFCFRRNTTNLTLTLKDKLLHKQFASHFSGVNGCKEDFFLTCLLNASTSETSGT
HKFRHVFLRHNKRG(MSE)FEPISLKINNLGDDASRHDGSDYKPTPVRKSTRTPDSFTKLIESLNLDVARIDGLDSA
(MSE)LIQKAAEHHL(MSE)SLIPKVCESDLEVAELEKQVHELKIKIATQQLAKRLKINGENCDRISKASKD
;
B,D
#
loop_
_chem_comp.id
_chem_comp.type
_chem_comp.name
_chem_comp.formula
GOL non-polymer GLYCEROL 'C3 H8 O3'
ZN non-polymer 'ZINC ION' 'Zn 2'
#
# COMPACT_ATOMS: atom_id res chain seq x y z
N SER A 6 23.86 -37.79 -25.74
CA SER A 6 23.22 -36.49 -25.84
C SER A 6 22.33 -36.21 -24.63
N SER A 7 22.50 -37.00 -23.59
CA SER A 7 21.74 -36.80 -22.36
C SER A 7 22.37 -35.72 -21.49
N LEU A 8 21.55 -34.98 -20.76
CA LEU A 8 22.06 -33.95 -19.85
C LEU A 8 22.79 -34.59 -18.68
N GLN A 9 24.10 -34.39 -18.62
CA GLN A 9 24.92 -35.05 -17.60
C GLN A 9 25.34 -34.09 -16.51
N LYS A 10 25.44 -32.82 -16.87
CA LYS A 10 25.95 -31.81 -15.96
C LYS A 10 25.66 -30.42 -16.50
N VAL A 11 25.42 -29.48 -15.60
CA VAL A 11 25.29 -28.08 -15.99
C VAL A 11 26.46 -27.28 -15.46
N GLU A 12 27.09 -26.52 -16.35
CA GLU A 12 28.13 -25.58 -15.94
C GLU A 12 27.62 -24.16 -16.11
N LEU A 13 27.34 -23.52 -14.98
CA LEU A 13 26.75 -22.19 -14.98
C LEU A 13 27.81 -21.14 -14.67
N GLN A 14 28.03 -20.22 -15.61
CA GLN A 14 29.03 -19.17 -15.40
C GLN A 14 28.62 -18.26 -14.25
N THR A 15 29.60 -17.86 -13.46
CA THR A 15 29.36 -17.09 -12.26
C THR A 15 28.70 -15.74 -12.52
N ASP A 16 28.96 -15.14 -13.68
CA ASP A 16 28.37 -13.83 -13.99
C ASP A 16 26.89 -13.98 -14.40
N VAL A 17 26.55 -15.11 -15.00
CA VAL A 17 25.15 -15.43 -15.26
C VAL A 17 24.45 -15.74 -13.94
N TYR A 18 25.17 -16.41 -13.06
CA TYR A 18 24.70 -16.65 -11.70
C TYR A 18 24.36 -15.33 -11.02
N MSE A 19 25.24 -14.34 -11.16
CA MSE A 19 25.01 -13.04 -10.53
C MSE A 19 23.76 -12.36 -11.06
O MSE A 19 23.00 -11.76 -10.30
CB MSE A 19 26.23 -12.13 -10.71
CG MSE A 19 25.98 -10.69 -10.26
SE MSE A 19 27.57 -9.60 -10.33
CE MSE A 19 26.77 -7.85 -9.97
N VAL A 20 23.53 -12.45 -12.36
CA VAL A 20 22.36 -11.82 -12.97
C VAL A 20 21.05 -12.40 -12.44
N CYS A 21 20.95 -13.73 -12.44
CA CYS A 21 19.74 -14.40 -11.96
C CYS A 21 19.46 -14.07 -10.49
N LEU A 22 20.48 -14.26 -9.66
CA LEU A 22 20.39 -13.95 -8.23
C LEU A 22 19.90 -12.53 -7.99
N GLN A 23 20.54 -11.56 -8.66
CA GLN A 23 20.13 -10.17 -8.58
C GLN A 23 18.67 -9.99 -8.97
N HIS A 24 18.27 -10.72 -10.02
CA HIS A 24 16.91 -10.64 -10.50
C HIS A 24 15.93 -11.17 -9.45
N ALA A 25 16.28 -12.29 -8.85
CA ALA A 25 15.46 -12.90 -7.80
C ALA A 25 15.33 -12.01 -6.57
N LEU A 26 16.39 -11.24 -6.28
CA LEU A 26 16.42 -10.39 -5.09
C LEU A 26 15.63 -9.10 -5.27
N SER A 27 15.15 -8.86 -6.49
CA SER A 27 14.41 -7.63 -6.79
C SER A 27 13.11 -7.51 -6.03
N THR A 28 12.51 -8.66 -5.67
CA THR A 28 11.25 -8.64 -4.94
C THR A 28 11.04 -9.94 -4.16
N GLU A 29 10.51 -9.80 -2.94
CA GLU A 29 10.22 -10.94 -2.10
C GLU A 29 8.73 -11.30 -2.14
N ASN A 30 7.98 -10.55 -2.95
CA ASN A 30 6.53 -10.70 -3.00
C ASN A 30 6.03 -11.53 -4.19
N PHE A 31 6.83 -11.57 -5.25
CA PHE A 31 6.45 -12.28 -6.46
C PHE A 31 7.61 -13.10 -6.99
N GLU A 32 7.28 -14.11 -7.80
CA GLU A 32 8.29 -14.90 -8.47
C GLU A 32 8.73 -14.20 -9.75
N VAL A 33 10.02 -14.29 -10.05
CA VAL A 33 10.54 -13.74 -11.28
C VAL A 33 11.05 -14.88 -12.16
N MSE A 34 11.30 -14.58 -13.44
CA MSE A 34 11.66 -15.63 -14.38
C MSE A 34 12.45 -15.09 -15.56
O MSE A 34 12.34 -13.91 -15.91
CB MSE A 34 10.41 -16.34 -14.90
CG MSE A 34 9.58 -15.50 -15.85
SE MSE A 34 7.82 -16.24 -16.19
CE MSE A 34 8.35 -18.09 -16.45
N GLY A 35 13.25 -15.96 -16.17
CA GLY A 35 14.05 -15.61 -17.33
C GLY A 35 14.49 -16.85 -18.08
N LEU A 36 15.26 -16.65 -19.14
CA LEU A 36 15.74 -17.75 -19.95
C LEU A 36 17.26 -17.82 -19.96
N LEU A 37 17.79 -19.02 -20.12
CA LEU A 37 19.24 -19.24 -20.09
C LEU A 37 19.74 -19.61 -21.48
N ILE A 38 20.85 -18.98 -21.88
CA ILE A 38 21.43 -19.25 -23.19
C ILE A 38 22.88 -19.72 -23.08
N GLY A 39 23.24 -20.67 -23.93
CA GLY A 39 24.59 -21.19 -23.94
C GLY A 39 24.78 -22.25 -25.01
N ASN A 40 25.63 -23.23 -24.71
CA ASN A 40 25.89 -24.32 -25.64
C ASN A 40 25.93 -25.67 -24.95
N PHE A 41 25.36 -26.68 -25.61
CA PHE A 41 25.30 -28.02 -25.05
C PHE A 41 26.45 -28.88 -25.57
N ALA A 42 27.43 -29.14 -24.69
CA ALA A 42 28.58 -29.95 -25.07
C ALA A 42 28.26 -31.44 -24.95
N CYS A 43 29.28 -32.24 -24.68
CA CYS A 43 29.09 -33.67 -24.48
C CYS A 43 28.40 -33.94 -23.16
N GLY A 44 27.08 -33.83 -23.15
CA GLY A 44 26.30 -34.04 -21.95
C GLY A 44 26.34 -32.86 -20.98
N ILE A 45 27.00 -31.78 -21.40
CA ILE A 45 27.11 -30.61 -20.54
C ILE A 45 26.50 -29.35 -21.15
N ALA A 46 25.52 -28.78 -20.48
CA ALA A 46 24.98 -27.49 -20.86
C ALA A 46 25.83 -26.38 -20.25
N LYS A 47 26.57 -25.69 -21.11
CA LYS A 47 27.38 -24.56 -20.66
C LYS A 47 26.58 -23.28 -20.82
N ILE A 48 26.21 -22.67 -19.71
CA ILE A 48 25.34 -21.50 -19.69
C ILE A 48 26.12 -20.22 -19.46
N SER A 49 26.18 -19.36 -20.48
CA SER A 49 26.98 -18.13 -20.39
C SER A 49 26.20 -16.88 -20.80
N ALA A 50 24.88 -16.98 -20.81
CA ALA A 50 24.04 -15.83 -21.15
C ALA A 50 22.64 -15.99 -20.60
N VAL A 51 21.97 -14.87 -20.37
CA VAL A 51 20.69 -14.88 -19.69
C VAL A 51 19.76 -13.78 -20.23
N ILE A 52 18.47 -14.08 -20.29
CA ILE A 52 17.48 -13.08 -20.67
C ILE A 52 16.45 -12.90 -19.57
N ILE A 53 16.28 -11.67 -19.12
CA ILE A 53 15.30 -11.36 -18.09
C ILE A 53 13.94 -11.14 -18.75
N LEU A 54 12.93 -11.85 -18.27
CA LEU A 54 11.63 -11.79 -18.90
C LEU A 54 10.62 -11.00 -18.09
N ARG A 55 9.65 -10.44 -18.80
CA ARG A 55 8.53 -9.74 -18.19
C ARG A 55 7.45 -10.75 -17.83
N ARG A 56 7.06 -10.77 -16.56
CA ARG A 56 5.99 -11.64 -16.10
C ARG A 56 4.73 -10.81 -15.82
N LEU A 57 3.62 -11.19 -16.43
CA LEU A 57 2.37 -10.44 -16.26
C LEU A 57 1.49 -11.01 -15.14
N ASP A 58 1.57 -12.32 -14.91
CA ASP A 58 0.73 -12.98 -13.91
C ASP A 58 1.20 -12.69 -12.48
N LYS A 59 0.23 -12.49 -11.59
CA LYS A 59 0.53 -12.36 -10.17
C LYS A 59 0.19 -13.67 -9.47
N LYS A 60 -0.12 -14.69 -10.26
CA LYS A 60 -0.46 -16.01 -9.73
C LYS A 60 0.73 -16.63 -9.00
N LYS A 61 0.46 -17.14 -7.79
CA LYS A 61 1.50 -17.60 -6.88
C LYS A 61 2.32 -18.78 -7.40
N ASP A 62 1.70 -19.63 -8.22
CA ASP A 62 2.40 -20.81 -8.73
C ASP A 62 2.38 -20.84 -10.27
N ARG A 63 1.64 -19.91 -10.86
CA ARG A 63 1.49 -19.86 -12.31
C ARG A 63 2.61 -19.07 -12.96
N VAL A 64 3.73 -19.73 -13.20
CA VAL A 64 4.90 -19.08 -13.81
C VAL A 64 5.14 -19.64 -15.22
N GLU A 65 4.59 -18.97 -16.23
CA GLU A 65 4.65 -19.45 -17.60
C GLU A 65 5.33 -18.48 -18.57
N ILE A 66 6.28 -18.99 -19.34
CA ILE A 66 6.91 -18.23 -20.41
C ILE A 66 6.13 -18.41 -21.70
N SER A 67 5.80 -17.30 -22.36
CA SER A 67 4.98 -17.32 -23.56
C SER A 67 5.78 -17.74 -24.81
N SER A 68 5.06 -18.13 -25.85
CA SER A 68 5.67 -18.53 -27.11
C SER A 68 6.35 -17.34 -27.78
N GLU A 69 5.79 -16.15 -27.57
CA GLU A 69 6.35 -14.93 -28.12
C GLU A 69 7.71 -14.63 -27.50
N GLN A 70 7.87 -15.00 -26.22
CA GLN A 70 9.10 -14.76 -25.50
C GLN A 70 10.18 -15.75 -25.90
N LEU A 71 9.77 -16.98 -26.18
CA LEU A 71 10.72 -18.01 -26.62
C LEU A 71 11.35 -17.63 -27.95
N LEU A 72 10.52 -17.14 -28.87
CA LEU A 72 10.99 -16.73 -30.19
C LEU A 72 11.98 -15.58 -30.11
N LYS A 73 11.65 -14.56 -29.32
CA LYS A 73 12.52 -13.40 -29.16
C LYS A 73 13.83 -13.80 -28.49
N ALA A 74 13.74 -14.77 -27.59
CA ALA A 74 14.93 -15.30 -26.92
C ALA A 74 15.81 -16.04 -27.92
N ALA A 75 15.18 -16.77 -28.82
CA ALA A 75 15.89 -17.49 -29.88
C ALA A 75 16.59 -16.52 -30.84
N ALA A 76 15.94 -15.40 -31.11
CA ALA A 76 16.53 -14.37 -31.97
C ALA A 76 17.81 -13.84 -31.33
N GLU A 77 17.71 -13.53 -30.03
CA GLU A 77 18.85 -13.05 -29.27
C GLU A 77 20.00 -14.05 -29.32
N ALA A 78 19.70 -15.32 -29.07
CA ALA A 78 20.69 -16.38 -29.13
C ALA A 78 21.40 -16.38 -30.48
N GLU A 79 20.62 -16.23 -31.55
CA GLU A 79 21.17 -16.18 -32.89
C GLU A 79 22.09 -14.97 -33.07
N ARG A 80 21.79 -13.87 -32.38
CA ARG A 80 22.62 -12.69 -32.48
C ARG A 80 23.93 -12.92 -31.75
N LEU A 81 23.85 -13.44 -30.53
CA LEU A 81 25.04 -13.80 -29.76
C LEU A 81 25.94 -14.76 -30.52
N THR A 82 25.32 -15.70 -31.25
CA THR A 82 26.06 -16.64 -32.07
C THR A 82 26.96 -15.91 -33.06
N VAL A 83 26.42 -14.87 -33.69
CA VAL A 83 27.16 -14.07 -34.65
C VAL A 83 28.15 -13.14 -33.94
N GLU A 84 27.72 -12.54 -32.84
CA GLU A 84 28.52 -11.55 -32.14
C GLU A 84 29.76 -12.15 -31.48
N LEU A 85 29.61 -13.32 -30.87
CA LEU A 85 30.70 -13.92 -30.11
C LEU A 85 31.40 -15.06 -30.87
N ASN A 86 31.06 -15.22 -32.14
CA ASN A 86 31.67 -16.26 -32.98
C ASN A 86 31.60 -17.62 -32.31
N ARG A 87 30.43 -17.96 -31.78
CA ARG A 87 30.26 -19.18 -31.02
C ARG A 87 28.80 -19.60 -30.94
N PRO A 88 28.54 -20.91 -30.99
CA PRO A 88 27.19 -21.47 -30.99
C PRO A 88 26.42 -21.13 -29.71
N MSE A 89 25.37 -20.33 -29.84
CA MSE A 89 24.54 -19.99 -28.69
C MSE A 89 23.09 -20.38 -28.95
O MSE A 89 22.58 -20.23 -30.07
CB MSE A 89 24.63 -18.48 -28.39
CG MSE A 89 26.05 -18.02 -28.07
SE MSE A 89 26.78 -18.81 -26.45
CE MSE A 89 25.93 -17.65 -25.14
N ARG A 90 22.42 -20.88 -27.92
CA ARG A 90 21.07 -21.39 -28.03
C ARG A 90 20.37 -21.28 -26.68
N VAL A 91 19.03 -21.30 -26.70
CA VAL A 91 18.26 -21.29 -25.46
C VAL A 91 18.30 -22.68 -24.83
N LEU A 92 18.95 -22.77 -23.67
CA LEU A 92 19.26 -24.06 -23.05
C LEU A 92 18.36 -24.40 -21.86
N GLY A 93 17.67 -23.42 -21.33
CA GLY A 93 16.81 -23.65 -20.18
C GLY A 93 16.18 -22.39 -19.62
N TRP A 94 15.59 -22.52 -18.44
CA TRP A 94 14.90 -21.41 -17.80
C TRP A 94 15.20 -21.36 -16.30
N TYR A 95 14.81 -20.27 -15.66
CA TYR A 95 15.02 -20.10 -14.23
C TYR A 95 13.88 -19.28 -13.65
N HIS A 96 13.58 -19.49 -12.37
CA HIS A 96 12.67 -18.60 -11.67
C HIS A 96 12.95 -18.66 -10.17
N SER A 97 12.30 -17.78 -9.42
CA SER A 97 12.63 -17.59 -8.02
C SER A 97 11.54 -18.08 -7.10
N HIS A 98 11.94 -18.55 -5.91
CA HIS A 98 11.01 -18.91 -4.86
C HIS A 98 11.22 -18.01 -3.65
N PRO A 99 10.54 -16.85 -3.64
CA PRO A 99 10.62 -15.99 -2.45
C PRO A 99 9.82 -16.58 -1.29
N HIS A 100 10.47 -16.70 -0.12
CA HIS A 100 9.81 -17.16 1.11
C HIS A 100 9.26 -18.58 1.03
N ILE A 101 9.85 -19.42 0.20
CA ILE A 101 9.50 -20.83 0.14
C ILE A 101 10.72 -21.67 -0.21
N THR A 102 10.59 -22.99 -0.09
CA THR A 102 11.70 -23.89 -0.39
C THR A 102 12.06 -23.87 -1.87
N VAL A 103 13.29 -24.28 -2.17
CA VAL A 103 13.80 -24.26 -3.53
C VAL A 103 13.21 -25.42 -4.35
N CYS A 104 12.68 -26.42 -3.67
CA CYS A 104 12.12 -27.60 -4.31
C CYS A 104 11.03 -27.23 -5.32
N PRO A 105 11.21 -27.68 -6.57
CA PRO A 105 10.26 -27.50 -7.67
C PRO A 105 8.85 -27.94 -7.31
N SER A 106 7.88 -27.06 -7.57
CA SER A 106 6.47 -27.37 -7.29
C SER A 106 5.89 -28.29 -8.37
N HIS A 107 4.67 -28.74 -8.17
CA HIS A 107 3.99 -29.59 -9.15
C HIS A 107 3.93 -28.88 -10.50
N VAL A 108 3.61 -27.59 -10.47
CA VAL A 108 3.56 -26.78 -11.69
C VAL A 108 4.95 -26.65 -12.30
N ASP A 109 5.97 -26.53 -11.47
CA ASP A 109 7.34 -26.41 -11.95
C ASP A 109 7.80 -27.66 -12.69
N VAL A 110 7.47 -28.83 -12.13
CA VAL A 110 7.83 -30.09 -12.77
C VAL A 110 7.07 -30.26 -14.08
N ARG A 111 5.79 -29.91 -14.06
CA ARG A 111 4.93 -30.07 -15.23
C ARG A 111 5.37 -29.13 -16.35
N THR A 112 5.88 -27.97 -15.98
CA THR A 112 6.35 -26.99 -16.96
C THR A 112 7.70 -27.39 -17.55
N GLN A 113 8.61 -27.85 -16.69
CA GLN A 113 9.92 -28.32 -17.13
C GLN A 113 9.77 -29.52 -18.07
N ALA A 114 8.81 -30.39 -17.78
CA ALA A 114 8.60 -31.59 -18.59
C ALA A 114 8.14 -31.25 -20.00
N THR A 115 7.35 -30.19 -20.12
CA THR A 115 6.93 -29.71 -21.43
C THR A 115 8.14 -29.25 -22.24
N TYR A 116 9.03 -28.51 -21.59
CA TYR A 116 10.24 -28.02 -22.23
C TYR A 116 11.13 -29.15 -22.72
N GLN A 117 11.02 -30.32 -22.09
CA GLN A 117 11.85 -31.45 -22.45
C GLN A 117 11.31 -32.20 -23.67
N THR A 118 10.01 -32.05 -23.93
CA THR A 118 9.45 -32.61 -25.16
C THR A 118 9.90 -31.72 -26.32
N MSE A 119 10.26 -30.49 -26.00
CA MSE A 119 10.80 -29.58 -27.00
C MSE A 119 12.31 -29.72 -27.12
O MSE A 119 12.89 -29.56 -28.19
CB MSE A 119 10.44 -28.13 -26.64
CG MSE A 119 11.21 -27.08 -27.42
SE MSE A 119 11.02 -25.31 -26.63
CE MSE A 119 9.08 -25.26 -26.46
N ASP A 120 12.96 -30.05 -26.00
CA ASP A 120 14.40 -30.15 -25.93
C ASP A 120 14.80 -31.06 -24.77
N HIS A 121 15.26 -32.27 -25.10
CA HIS A 121 15.55 -33.29 -24.09
C HIS A 121 16.56 -32.86 -23.01
N SER A 122 17.38 -31.86 -23.31
CA SER A 122 18.40 -31.43 -22.36
C SER A 122 18.13 -30.05 -21.77
N PHE A 123 16.88 -29.61 -21.87
CA PHE A 123 16.48 -28.32 -21.31
C PHE A 123 16.72 -28.28 -19.80
N VAL A 124 17.36 -27.20 -19.34
CA VAL A 124 17.77 -27.06 -17.95
C VAL A 124 16.77 -26.24 -17.14
N GLY A 125 16.54 -26.64 -15.90
CA GLY A 125 15.69 -25.89 -14.99
C GLY A 125 16.44 -25.43 -13.75
N LEU A 126 16.43 -24.13 -13.49
CA LEU A 126 17.07 -23.56 -12.30
C LEU A 126 16.07 -22.82 -11.41
N ILE A 127 16.08 -23.12 -10.12
CA ILE A 127 15.25 -22.39 -9.17
C ILE A 127 16.11 -21.71 -8.11
N PHE A 128 15.91 -20.41 -7.96
CA PHE A 128 16.61 -19.63 -6.94
C PHE A 128 15.68 -19.36 -5.78
N SER A 129 16.02 -19.92 -4.62
CA SER A 129 15.26 -19.67 -3.41
C SER A 129 15.86 -18.48 -2.67
N VAL A 130 15.03 -17.48 -2.38
CA VAL A 130 15.53 -16.30 -1.68
C VAL A 130 14.57 -15.79 -0.63
N PHE A 131 15.11 -15.01 0.31
CA PHE A 131 14.33 -14.34 1.34
C PHE A 131 13.78 -15.30 2.38
N SER A 132 14.65 -16.15 2.90
CA SER A 132 14.32 -16.99 4.05
C SER A 132 15.38 -16.81 5.12
N GLU A 133 14.94 -16.59 6.35
CA GLU A 133 15.86 -16.33 7.45
C GLU A 133 15.23 -16.62 8.80
N GLY A 134 16.03 -17.16 9.72
CA GLY A 134 15.56 -17.47 11.07
C GLY A 134 15.36 -16.22 11.90
N LYS A 135 14.19 -16.10 12.50
CA LYS A 135 13.83 -14.94 13.31
C LYS A 135 14.76 -14.76 14.50
N GLU A 136 15.42 -15.85 14.90
CA GLU A 136 16.27 -15.86 16.08
C GLU A 136 17.75 -15.71 15.73
N SER A 137 18.22 -16.54 14.82
CA SER A 137 19.63 -16.55 14.43
C SER A 137 20.02 -15.34 13.59
N LYS A 138 19.06 -14.81 12.84
CA LYS A 138 19.27 -13.70 11.90
C LYS A 138 19.95 -14.20 10.63
N GLU A 139 20.23 -15.50 10.59
CA GLU A 139 20.90 -16.11 9.44
C GLU A 139 19.97 -16.19 8.23
N HIS A 140 20.52 -15.88 7.06
CA HIS A 140 19.77 -15.98 5.80
C HIS A 140 20.25 -17.17 4.96
N GLU A 141 19.33 -17.79 4.23
CA GLU A 141 19.65 -18.88 3.32
C GLU A 141 19.09 -18.61 1.93
N ILE A 142 19.89 -18.94 0.90
CA ILE A 142 19.39 -18.96 -0.45
C ILE A 142 19.86 -20.26 -1.11
N PHE A 143 18.93 -20.97 -1.74
CA PHE A 143 19.25 -22.21 -2.42
C PHE A 143 19.21 -22.03 -3.93
N LEU A 144 19.99 -22.83 -4.63
CA LEU A 144 19.94 -22.88 -6.08
C LEU A 144 19.78 -24.33 -6.52
N ASN A 145 18.63 -24.64 -7.11
CA ASN A 145 18.33 -26.01 -7.50
C ASN A 145 18.34 -26.18 -9.02
N CYS A 146 19.15 -27.11 -9.50
CA CYS A 146 19.23 -27.42 -10.92
C CYS A 146 18.54 -28.77 -11.16
N PHE A 147 17.44 -28.75 -11.91
CA PHE A 147 16.59 -29.94 -12.02
C PHE A 147 16.02 -30.19 -13.42
N GLN A 148 15.64 -31.43 -13.66
CA GLN A 148 14.83 -31.79 -14.81
C GLN A 148 13.62 -32.60 -14.35
N SER A 149 12.65 -32.80 -15.25
CA SER A 149 11.45 -33.57 -14.92
C SER A 149 11.54 -35.00 -15.43
N ASP A 150 11.58 -35.96 -14.50
CA ASP A 150 11.57 -37.37 -14.86
C ASP A 150 10.13 -37.85 -15.06
N ASN A 151 9.82 -39.04 -14.54
CA ASN A 151 8.49 -39.61 -14.69
C ASN A 151 7.45 -38.94 -13.81
N GLY A 152 7.35 -37.61 -13.90
CA GLY A 152 6.40 -36.87 -13.10
C GLY A 152 7.03 -36.24 -11.87
N GLU A 153 8.27 -36.62 -11.60
CA GLU A 153 8.99 -36.10 -10.46
C GLU A 153 10.23 -35.32 -10.90
N ALA A 154 10.64 -34.34 -10.11
CA ALA A 154 11.85 -33.61 -10.40
C ALA A 154 13.06 -34.40 -9.91
N THR A 155 14.16 -34.33 -10.64
CA THR A 155 15.40 -34.98 -10.23
C THR A 155 16.57 -34.04 -10.40
N GLU A 156 17.51 -34.09 -9.46
CA GLU A 156 18.65 -33.20 -9.47
C GLU A 156 19.55 -33.39 -10.69
N ILE A 157 19.98 -32.27 -11.26
CA ILE A 157 21.02 -32.27 -12.28
C ILE A 157 22.27 -31.65 -11.69
N PRO A 158 23.39 -32.38 -11.69
CA PRO A 158 24.66 -31.89 -11.16
C PRO A 158 25.01 -30.50 -11.67
N LEU A 159 25.30 -29.59 -10.75
CA LEU A 159 25.55 -28.20 -11.11
C LEU A 159 26.91 -27.71 -10.62
N GLU A 160 27.65 -27.09 -11.52
CA GLU A 160 28.90 -26.42 -11.15
C GLU A 160 28.87 -24.98 -11.62
N ILE A 161 29.14 -24.05 -10.71
CA ILE A 161 29.18 -22.64 -11.06
C ILE A 161 30.61 -22.27 -11.42
N VAL A 162 30.87 -22.16 -12.71
CA VAL A 162 32.22 -22.01 -13.25
C VAL A 162 32.75 -20.58 -13.13
N HIS A 163 34.02 -20.48 -12.76
CA HIS A 163 34.70 -19.21 -12.57
C HIS A 163 34.76 -18.38 -13.85
N THR A 164 34.42 -17.10 -13.72
CA THR A 164 34.67 -16.12 -14.76
C THR A 164 35.58 -15.01 -14.21
N PRO A 165 36.49 -14.51 -15.05
CA PRO A 165 37.43 -13.47 -14.63
C PRO A 165 36.78 -12.09 -14.58
N ASP A 166 35.52 -12.02 -14.96
CA ASP A 166 34.83 -10.73 -15.09
C ASP A 166 33.32 -10.88 -15.11
N ILE A 167 32.64 -9.75 -15.23
CA ILE A 167 31.22 -9.75 -15.55
C ILE A 167 31.08 -9.31 -17.00
N SER A 168 30.73 -10.24 -17.87
CA SER A 168 30.71 -9.98 -19.31
C SER A 168 29.81 -8.81 -19.67
N ASP A 169 30.11 -8.17 -20.80
CA ASP A 169 29.33 -7.07 -21.32
C ASP A 169 27.82 -7.39 -21.35
N ARG A 170 27.48 -8.56 -21.88
CA ARG A 170 26.07 -8.92 -22.05
C ARG A 170 25.38 -9.16 -20.72
N CYS A 171 26.09 -9.70 -19.73
CA CYS A 171 25.52 -9.88 -18.40
C CYS A 171 25.26 -8.53 -17.74
N LEU A 172 26.20 -7.61 -17.91
CA LEU A 172 26.01 -6.24 -17.42
C LEU A 172 24.79 -5.60 -18.07
N ARG A 173 24.65 -5.79 -19.39
CA ARG A 173 23.52 -5.21 -20.11
C ARG A 173 22.19 -5.83 -19.66
N THR A 174 22.18 -7.13 -19.40
CA THR A 174 20.98 -7.81 -18.92
C THR A 174 20.48 -7.20 -17.61
N MSE A 175 21.40 -6.96 -16.67
CA MSE A 175 21.06 -6.33 -15.40
C MSE A 175 20.35 -5.00 -15.61
O MSE A 175 19.35 -4.71 -14.96
CB MSE A 175 22.32 -6.10 -14.55
CG MSE A 175 23.06 -7.38 -14.17
SE MSE A 175 24.78 -7.04 -13.32
CE MSE A 175 25.45 -8.87 -13.27
N THR A 176 20.88 -4.18 -16.53
CA THR A 176 20.31 -2.87 -16.79
C THR A 176 18.93 -2.93 -17.43
N ASP A 177 18.54 -4.12 -17.90
CA ASP A 177 17.25 -4.29 -18.57
C ASP A 177 16.09 -4.34 -17.57
N LEU A 178 16.40 -4.73 -16.34
CA LEU A 178 15.37 -4.97 -15.35
C LEU A 178 14.54 -3.72 -15.03
N SER A 179 15.21 -2.61 -14.71
CA SER A 179 14.49 -1.39 -14.36
C SER A 179 13.71 -0.89 -15.57
N LYS A 180 14.30 -1.00 -16.74
CA LYS A 180 13.62 -0.64 -17.98
C LYS A 180 12.31 -1.40 -18.13
N ILE A 181 12.35 -2.70 -17.86
CA ILE A 181 11.16 -3.54 -17.94
C ILE A 181 10.13 -3.09 -16.90
N LEU A 182 10.58 -2.93 -15.65
CA LEU A 182 9.70 -2.49 -14.58
C LEU A 182 9.04 -1.16 -14.91
N VAL A 183 9.84 -0.19 -15.35
CA VAL A 183 9.31 1.11 -15.75
C VAL A 183 8.26 0.98 -16.86
N GLN A 184 8.52 0.09 -17.82
CA GLN A 184 7.59 -0.12 -18.93
C GLN A 184 6.27 -0.70 -18.46
N GLU A 185 6.31 -1.59 -17.49
CA GLU A 185 5.10 -2.16 -16.89
C GLU A 185 4.27 -1.06 -16.25
N GLU A 186 4.93 -0.19 -15.50
CA GLU A 186 4.26 0.93 -14.84
C GLU A 186 3.64 1.87 -15.87
N GLU A 187 4.41 2.20 -16.90
CA GLU A 187 3.94 3.04 -17.99
C GLU A 187 2.65 2.50 -18.60
N ASP A 188 2.61 1.20 -18.85
CA ASP A 188 1.45 0.58 -19.47
C ASP A 188 0.21 0.73 -18.60
N MSE A 189 0.37 0.53 -17.29
CA MSE A 189 -0.75 0.66 -16.36
C MSE A 189 -1.24 2.09 -16.28
O MSE A 189 -2.44 2.35 -16.33
CB MSE A 189 -0.34 0.16 -14.98
CG MSE A 189 -0.27 -1.36 -14.87
SE MSE A 189 0.08 -1.97 -13.05
CE MSE A 189 -0.13 -3.89 -13.35
N ALA A 190 -0.31 3.03 -16.14
CA ALA A 190 -0.66 4.45 -16.08
C ALA A 190 -1.27 4.91 -17.40
N GLU A 191 -0.84 4.28 -18.50
CA GLU A 191 -1.34 4.59 -19.83
C GLU A 191 -2.85 4.34 -19.95
N ALA A 192 -3.33 3.31 -19.26
CA ALA A 192 -4.73 2.90 -19.36
C ALA A 192 -5.68 3.90 -18.71
N CYS A 193 -5.13 4.88 -18.00
CA CYS A 193 -5.97 5.85 -17.29
C CYS A 193 -5.55 7.29 -17.56
N LYS A 194 -4.82 7.48 -18.66
CA LYS A 194 -4.42 8.83 -19.07
C LYS A 194 -5.64 9.68 -19.41
N ASP A 195 -5.48 10.99 -19.33
CA ASP A 195 -6.53 11.94 -19.72
C ASP A 195 -7.81 11.75 -18.90
N HIS A 196 -7.67 11.59 -17.59
CA HIS A 196 -8.84 11.45 -16.74
C HIS A 196 -9.50 12.82 -16.54
N PRO A 197 -10.81 12.91 -16.82
CA PRO A 197 -11.54 14.18 -16.75
C PRO A 197 -11.63 14.74 -15.32
N ASP A 198 -11.66 13.86 -14.32
CA ASP A 198 -11.74 14.29 -12.94
C ASP A 198 -10.39 14.80 -12.45
N VAL A 199 -10.36 16.04 -11.98
CA VAL A 199 -9.12 16.66 -11.50
C VAL A 199 -8.54 15.90 -10.30
N LEU A 200 -9.42 15.46 -9.40
CA LEU A 200 -8.98 14.73 -8.22
C LEU A 200 -8.34 13.40 -8.60
N ALA A 201 -8.86 12.76 -9.64
CA ALA A 201 -8.37 11.46 -10.05
C ALA A 201 -7.04 11.55 -10.81
N SER A 202 -6.89 12.61 -11.60
CA SER A 202 -5.65 12.79 -12.36
C SER A 202 -4.50 13.13 -11.43
N ILE A 203 -4.78 13.97 -10.43
CA ILE A 203 -3.81 14.29 -9.40
C ILE A 203 -3.43 13.02 -8.63
N HIS A 204 -4.43 12.21 -8.31
CA HIS A 204 -4.21 10.93 -7.66
C HIS A 204 -3.31 10.03 -8.50
N ASN A 205 -3.67 9.86 -9.77
CA ASN A 205 -2.93 8.97 -10.66
C ASN A 205 -1.48 9.40 -10.85
N ASN A 206 -1.26 10.69 -11.00
CA ASN A 206 0.10 11.23 -11.08
C ASN A 206 0.89 10.94 -9.82
N ALA A 207 0.26 11.12 -8.67
CA ALA A 207 0.89 10.79 -7.40
C ALA A 207 1.30 9.32 -7.36
N VAL A 208 0.40 8.46 -7.81
CA VAL A 208 0.67 7.02 -7.84
C VAL A 208 1.83 6.68 -8.78
N ARG A 209 1.81 7.29 -9.97
CA ARG A 209 2.82 7.03 -10.97
C ARG A 209 4.21 7.50 -10.54
N THR A 210 4.26 8.69 -9.95
CA THR A 210 5.53 9.27 -9.51
C THR A 210 6.15 8.43 -8.39
N ARG A 211 5.32 7.94 -7.48
CA ARG A 211 5.80 7.11 -6.39
C ARG A 211 6.29 5.74 -6.86
N ALA A 212 5.59 5.16 -7.83
CA ALA A 212 5.99 3.86 -8.36
C ALA A 212 7.30 3.95 -9.12
N LEU A 213 7.46 5.01 -9.91
CA LEU A 213 8.67 5.20 -10.69
C LEU A 213 9.88 5.46 -9.78
N ILE A 214 9.71 6.37 -8.84
CA ILE A 214 10.75 6.66 -7.85
C ILE A 214 11.13 5.38 -7.11
N HIS A 215 10.14 4.56 -6.81
CA HIS A 215 10.35 3.29 -6.14
C HIS A 215 11.35 2.40 -6.88
N ILE A 216 11.13 2.24 -8.18
CA ILE A 216 12.01 1.47 -9.04
C ILE A 216 13.42 2.05 -9.06
N THR A 217 13.52 3.37 -9.24
CA THR A 217 14.81 4.05 -9.26
C THR A 217 15.57 3.83 -7.95
N ASP A 218 14.85 3.88 -6.83
CA ASP A 218 15.47 3.79 -5.51
C ASP A 218 15.95 2.39 -5.20
N ILE A 219 15.08 1.40 -5.40
CA ILE A 219 15.39 0.02 -5.06
C ILE A 219 16.30 -0.67 -6.09
N ILE A 220 16.12 -0.32 -7.37
CA ILE A 220 16.78 -1.04 -8.45
C ILE A 220 17.87 -0.22 -9.15
N THR A 221 17.47 0.86 -9.82
CA THR A 221 18.37 1.60 -10.70
C THR A 221 19.54 2.26 -9.97
N LYS A 222 19.26 2.98 -8.88
CA LYS A 222 20.31 3.65 -8.12
C LYS A 222 21.37 2.68 -7.61
N PRO A 223 20.95 1.63 -6.89
CA PRO A 223 21.90 0.64 -6.37
C PRO A 223 22.78 0.05 -7.45
N LEU A 224 22.20 -0.25 -8.61
CA LEU A 224 22.97 -0.80 -9.72
C LEU A 224 23.99 0.22 -10.24
N VAL A 225 23.63 1.50 -10.24
CA VAL A 225 24.57 2.57 -10.59
C VAL A 225 25.71 2.60 -9.57
N GLN A 226 25.37 2.54 -8.28
CA GLN A 226 26.39 2.53 -7.23
C GLN A 226 27.29 1.29 -7.35
N THR A 227 26.69 0.14 -7.64
CA THR A 227 27.44 -1.10 -7.73
C THR A 227 28.44 -1.09 -8.87
N PHE A 228 28.00 -0.60 -10.04
CA PHE A 228 28.88 -0.49 -11.19
C PHE A 228 30.05 0.45 -10.90
N GLU A 229 29.72 1.66 -10.45
CA GLU A 229 30.73 2.67 -10.17
C GLU A 229 31.74 2.29 -9.10
N LYS A 230 31.29 1.60 -8.06
CA LYS A 230 32.18 1.22 -6.96
C LYS A 230 33.05 0.02 -7.28
N ARG A 231 32.58 -0.80 -8.21
N ARG A 231 32.63 -0.82 -8.22
CA ARG A 231 33.33 -1.93 -8.74
CA ARG A 231 33.50 -1.93 -8.59
C ARG A 231 34.56 -1.40 -9.48
C ARG A 231 34.61 -1.42 -9.51
N ILE A 232 34.32 -0.39 -10.30
CA ILE A 232 35.35 0.29 -11.08
C ILE A 232 36.42 0.87 -10.15
N ALA A 233 35.96 1.60 -9.15
CA ALA A 233 36.85 2.27 -8.19
C ALA A 233 37.65 1.28 -7.36
N LEU A 234 36.98 0.26 -6.84
CA LEU A 234 37.61 -0.72 -5.98
C LEU A 234 38.48 -1.70 -6.78
N ASN A 235 38.18 -1.86 -8.06
CA ASN A 235 39.08 -2.60 -8.93
C ASN A 235 40.40 -1.84 -9.09
N LYS A 236 40.29 -0.53 -9.30
CA LYS A 236 41.47 0.30 -9.47
C LYS A 236 42.29 0.31 -8.19
N LEU A 237 41.61 0.26 -7.05
CA LEU A 237 42.30 0.18 -5.76
C LEU A 237 43.09 -1.11 -5.65
N ARG A 238 42.48 -2.22 -6.04
CA ARG A 238 43.17 -3.50 -6.06
C ARG A 238 44.22 -3.50 -7.17
N ALA A 239 43.89 -2.84 -8.27
CA ALA A 239 44.78 -2.75 -9.42
C ALA A 239 46.10 -2.12 -9.03
N THR A 240 46.04 -0.97 -8.36
CA THR A 240 47.24 -0.26 -7.94
C THR A 240 47.96 -1.04 -6.84
N HIS A 241 47.19 -1.74 -6.01
CA HIS A 241 47.77 -2.57 -4.96
C HIS A 241 48.62 -3.68 -5.55
N LEU A 242 48.06 -4.38 -6.53
CA LEU A 242 48.74 -5.49 -7.19
C LEU A 242 50.03 -5.04 -7.89
N GLN A 243 49.99 -3.85 -8.48
CA GLN A 243 51.14 -3.31 -9.19
C GLN A 243 52.30 -3.00 -8.25
N ARG A 244 52.01 -2.39 -7.10
CA ARG A 244 53.04 -2.14 -6.10
C ARG A 244 53.66 -3.47 -5.64
N GLN A 245 52.81 -4.48 -5.55
CA GLN A 245 53.24 -5.81 -5.11
C GLN A 245 54.05 -6.49 -6.20
N LEU A 246 53.77 -6.12 -7.45
CA LEU A 246 54.42 -6.73 -8.61
C LEU A 246 55.88 -6.32 -8.73
N GLN A 247 56.19 -5.11 -8.27
CA GLN A 247 57.56 -4.62 -8.30
C GLN A 247 58.42 -5.31 -7.25
N GLU A 248 57.82 -5.57 -6.09
CA GLU A 248 58.53 -6.17 -4.96
C GLU A 248 58.87 -7.64 -5.23
N LEU A 249 57.97 -8.33 -5.94
CA LEU A 249 58.17 -9.75 -6.21
C LEU A 249 59.23 -9.98 -7.30
N GLN A 250 59.34 -9.05 -8.23
CA GLN A 250 60.35 -9.12 -9.28
C GLN A 250 61.73 -8.87 -8.69
N LYS A 251 61.77 -8.10 -7.62
CA LYS A 251 63.02 -7.85 -6.90
C LYS A 251 63.50 -9.13 -6.22
N MSE A 252 62.54 -9.96 -5.81
CA MSE A 252 62.85 -11.24 -5.18
C MSE A 252 63.52 -12.20 -6.15
O MSE A 252 64.33 -13.05 -5.75
CB MSE A 252 61.56 -11.87 -4.63
CG MSE A 252 60.79 -10.98 -3.67
SE MSE A 252 61.60 -10.88 -1.90
CE MSE A 252 61.41 -12.75 -1.38
N ASP B 3 22.02 -1.98 23.55
CA ASP B 3 22.86 -0.87 23.14
C ASP B 3 22.32 -0.21 21.87
N SER B 4 21.04 0.16 21.90
CA SER B 4 20.38 0.81 20.77
C SER B 4 20.14 -0.18 19.63
N ASP B 5 18.93 -0.16 19.07
CA ASP B 5 18.53 -1.12 18.06
C ASP B 5 19.33 -0.97 16.77
N LEU B 6 19.73 -2.10 16.18
CA LEU B 6 20.59 -2.10 15.01
C LEU B 6 20.02 -2.93 13.87
N LEU B 7 20.13 -2.39 12.65
CA LEU B 7 19.66 -3.09 11.46
C LEU B 7 20.65 -2.94 10.30
N VAL B 8 21.05 -4.05 9.70
CA VAL B 8 21.90 -4.03 8.51
C VAL B 8 21.04 -4.07 7.26
N THR B 9 21.37 -3.25 6.27
CA THR B 9 20.61 -3.22 5.02
C THR B 9 21.52 -3.32 3.81
N ILE B 10 21.01 -3.92 2.74
CA ILE B 10 21.78 -4.10 1.51
C ILE B 10 20.84 -4.23 0.32
N SER B 11 21.33 -3.84 -0.85
CA SER B 11 20.54 -3.97 -2.06
C SER B 11 20.76 -5.33 -2.68
N GLY B 12 19.86 -5.71 -3.59
CA GLY B 12 20.03 -6.93 -4.34
C GLY B 12 21.28 -6.84 -5.20
N ALA B 13 21.56 -5.65 -5.71
CA ALA B 13 22.73 -5.42 -6.56
C ALA B 13 24.02 -5.71 -5.79
N ALA B 14 24.16 -5.10 -4.61
CA ALA B 14 25.35 -5.26 -3.80
C ALA B 14 25.53 -6.72 -3.36
N LEU B 15 24.46 -7.32 -2.84
CA LEU B 15 24.53 -8.69 -2.36
C LEU B 15 24.91 -9.66 -3.48
N SER B 16 24.38 -9.43 -4.67
CA SER B 16 24.65 -10.32 -5.79
C SER B 16 26.10 -10.22 -6.20
N LEU B 17 26.68 -9.02 -6.06
CA LEU B 17 28.10 -8.82 -6.34
C LEU B 17 28.97 -9.55 -5.31
N LEU B 18 28.56 -9.49 -4.05
CA LEU B 18 29.26 -10.21 -2.99
C LEU B 18 29.29 -11.70 -3.29
N PHE B 19 28.13 -12.27 -3.56
CA PHE B 19 28.02 -13.68 -3.89
C PHE B 19 28.81 -14.05 -5.15
N PHE B 20 28.73 -13.20 -6.16
CA PHE B 20 29.52 -13.35 -7.37
C PHE B 20 31.00 -13.52 -7.04
N GLU B 21 31.52 -12.56 -6.29
CA GLU B 21 32.93 -12.56 -5.89
C GLU B 21 33.27 -13.81 -5.08
N ASN B 22 32.35 -14.27 -4.23
CA ASN B 22 32.55 -15.47 -3.45
C ASN B 22 32.67 -16.73 -4.30
N VAL B 23 31.69 -16.94 -5.19
CA VAL B 23 31.65 -18.17 -5.98
C VAL B 23 32.76 -18.20 -7.05
N ARG B 24 33.28 -17.03 -7.41
CA ARG B 24 34.44 -16.93 -8.29
C ARG B 24 35.70 -17.48 -7.67
N SER B 25 35.86 -17.26 -6.37
CA SER B 25 37.14 -17.54 -5.69
C SER B 25 37.45 -19.03 -5.69
N VAL B 26 38.73 -19.35 -5.65
CA VAL B 26 39.18 -20.72 -5.70
C VAL B 26 39.06 -21.37 -4.33
N GLY B 27 39.40 -20.63 -3.29
CA GLY B 27 39.28 -21.12 -1.93
C GLY B 27 38.44 -20.19 -1.08
N ASN B 28 38.66 -20.20 0.23
CA ASN B 28 38.00 -19.26 1.11
C ASN B 28 38.37 -17.84 0.73
N GLN B 29 37.54 -16.88 1.09
CA GLN B 29 37.77 -15.51 0.69
C GLN B 29 37.45 -14.51 1.79
N MSE B 30 38.18 -13.40 1.77
CA MSE B 30 38.05 -12.37 2.79
C MSE B 30 38.05 -11.00 2.12
O MSE B 30 38.55 -10.84 1.00
CB MSE B 30 39.19 -12.51 3.81
CG MSE B 30 39.36 -11.33 4.75
SE MSE B 30 40.76 -10.12 4.13
CE MSE B 30 40.54 -8.72 5.45
N GLY B 31 37.47 -10.02 2.79
CA GLY B 31 37.42 -8.68 2.25
C GLY B 31 36.74 -7.72 3.19
N PHE B 32 36.47 -6.51 2.71
CA PHE B 32 35.87 -5.48 3.55
C PHE B 32 34.50 -5.04 3.05
N LEU B 33 33.67 -4.61 4.00
CA LEU B 33 32.37 -4.04 3.71
C LEU B 33 32.46 -2.52 3.69
N LEU B 34 31.92 -1.91 2.64
CA LEU B 34 31.89 -0.45 2.56
C LEU B 34 30.45 0.04 2.57
N GLY B 35 30.21 1.13 3.29
CA GLY B 35 28.87 1.65 3.41
C GLY B 35 28.77 2.83 4.34
N GLU B 36 27.60 3.00 4.94
CA GLU B 36 27.32 4.15 5.77
C GLU B 36 26.36 3.78 6.89
N ALA B 37 26.58 4.37 8.06
CA ALA B 37 25.69 4.19 9.20
C ALA B 37 24.75 5.38 9.31
N LEU B 38 23.47 5.11 9.52
CA LEU B 38 22.47 6.16 9.66
C LEU B 38 21.72 6.02 10.98
N GLU B 39 21.34 7.14 11.57
CA GLU B 39 20.58 7.14 12.82
C GLU B 39 19.18 7.72 12.62
N PHE B 40 18.20 7.08 13.23
CA PHE B 40 16.82 7.58 13.18
C PHE B 40 16.23 7.66 14.58
N ILE B 41 15.34 8.63 14.78
CA ILE B 41 14.69 8.81 16.07
C ILE B 41 13.23 8.38 15.99
N VAL B 42 12.85 7.41 16.82
CA VAL B 42 11.50 6.88 16.81
C VAL B 42 10.93 6.73 18.23
N GLU B 53 10.97 8.14 23.17
CA GLU B 53 11.88 8.53 22.10
C GLU B 53 13.12 7.64 22.07
N THR B 54 13.24 6.83 21.03
CA THR B 54 14.34 5.89 20.91
C THR B 54 15.09 6.05 19.58
N VAL B 55 16.38 5.70 19.57
CA VAL B 55 17.20 5.84 18.38
C VAL B 55 17.57 4.48 17.76
N LYS B 56 17.32 4.34 16.46
CA LYS B 56 17.71 3.12 15.76
C LYS B 56 18.83 3.39 14.76
N ILE B 57 19.65 2.37 14.52
CA ILE B 57 20.81 2.50 13.63
C ILE B 57 20.65 1.65 12.37
N HIS B 58 20.72 2.27 11.21
CA HIS B 58 20.78 1.54 9.95
C HIS B 58 22.19 1.55 9.39
N ILE B 59 22.78 0.37 9.22
CA ILE B 59 24.09 0.27 8.60
C ILE B 59 23.94 -0.34 7.22
N ASN B 60 24.06 0.50 6.20
CA ASN B 60 23.86 0.07 4.82
C ASN B 60 25.16 -0.29 4.11
N VAL B 61 25.20 -1.52 3.58
CA VAL B 61 26.34 -1.98 2.79
C VAL B 61 26.15 -1.62 1.33
N GLU B 62 27.02 -0.76 0.82
CA GLU B 62 26.90 -0.25 -0.54
C GLU B 62 27.78 -1.02 -1.52
N ALA B 63 28.87 -1.59 -1.01
CA ALA B 63 29.86 -2.23 -1.87
C ALA B 63 30.83 -3.07 -1.06
N ILE B 64 31.57 -3.93 -1.76
CA ILE B 64 32.53 -4.81 -1.11
C ILE B 64 33.80 -4.93 -1.94
N VAL B 65 34.91 -5.23 -1.27
CA VAL B 65 36.18 -5.43 -1.96
C VAL B 65 36.92 -6.61 -1.34
N THR B 66 37.52 -7.44 -2.17
CA THR B 66 38.24 -8.58 -1.66
C THR B 66 39.69 -8.20 -1.40
N CYS B 67 40.36 -8.95 -0.55
CA CYS B 67 41.78 -8.77 -0.30
C CYS B 67 42.39 -10.05 0.25
N PRO B 68 43.57 -10.42 -0.27
CA PRO B 68 44.31 -11.56 0.26
C PRO B 68 44.80 -11.27 1.68
N LEU B 69 44.31 -12.04 2.66
CA LEU B 69 44.62 -11.80 4.05
C LEU B 69 46.11 -11.83 4.34
N ALA B 70 46.86 -12.54 3.51
CA ALA B 70 48.30 -12.69 3.71
C ALA B 70 49.03 -11.37 3.43
N ASP B 71 48.41 -10.51 2.63
CA ASP B 71 48.99 -9.22 2.29
C ASP B 71 48.86 -8.22 3.44
N LEU B 72 48.31 -8.67 4.56
CA LEU B 72 48.06 -7.79 5.69
C LEU B 72 48.61 -8.34 7.01
N LEU B 73 49.09 -9.58 6.99
CA LEU B 73 49.54 -10.25 8.21
C LEU B 73 51.04 -10.04 8.47
N HIS B 74 51.57 -10.77 9.45
CA HIS B 74 52.98 -10.69 9.80
C HIS B 74 53.72 -11.99 9.49
N ASN B 78 49.68 -14.44 12.52
CA ASN B 78 48.32 -14.07 12.12
C ASN B 78 47.89 -12.73 12.70
N HIS B 79 48.86 -11.87 12.97
CA HIS B 79 48.60 -10.53 13.47
C HIS B 79 48.55 -9.54 12.29
N ILE B 80 47.54 -8.68 12.27
CA ILE B 80 47.40 -7.70 11.21
C ILE B 80 48.51 -6.65 11.23
N ASN B 81 49.15 -6.46 10.07
CA ASN B 81 50.14 -5.41 9.88
C ASN B 81 49.43 -4.10 9.53
N LYS B 82 49.33 -3.20 10.50
CA LYS B 82 48.54 -1.98 10.33
C LYS B 82 48.99 -1.12 9.16
N GLU B 83 50.29 -1.01 8.96
CA GLU B 83 50.81 -0.22 7.85
C GLU B 83 50.40 -0.85 6.52
N LYS B 84 50.45 -2.18 6.44
CA LYS B 84 50.04 -2.90 5.25
C LYS B 84 48.56 -2.69 4.97
N LEU B 85 47.76 -2.70 6.04
CA LEU B 85 46.32 -2.49 5.95
C LEU B 85 45.99 -1.08 5.49
N LYS B 86 46.65 -0.10 6.11
CA LYS B 86 46.50 1.29 5.70
C LYS B 86 46.89 1.45 4.24
N ASP B 87 47.95 0.75 3.86
CA ASP B 87 48.48 0.81 2.51
C ASP B 87 47.50 0.28 1.46
N PHE B 88 46.75 -0.75 1.84
CA PHE B 88 45.79 -1.36 0.93
C PHE B 88 44.50 -0.55 0.84
N VAL B 89 43.88 -0.31 2.00
CA VAL B 89 42.62 0.42 2.05
C VAL B 89 42.78 1.82 1.46
N ARG B 90 43.72 2.59 2.00
CA ARG B 90 44.17 3.82 1.35
C ARG B 90 43.04 4.79 1.02
N ASP B 91 42.67 5.61 2.00
CA ASP B 91 41.70 6.70 1.82
C ASP B 91 40.26 6.21 1.72
N LYS B 92 40.07 4.92 1.44
CA LYS B 92 38.74 4.33 1.41
C LYS B 92 38.31 3.90 2.81
N SER B 93 39.23 4.05 3.77
CA SER B 93 39.03 3.54 5.13
C SER B 93 37.84 4.18 5.85
N LYS B 94 37.47 5.38 5.43
CA LYS B 94 36.31 6.05 6.02
C LYS B 94 35.01 5.35 5.66
N GLN B 95 35.04 4.59 4.57
CA GLN B 95 33.83 3.91 4.09
C GLN B 95 33.71 2.50 4.63
N VAL B 96 34.75 2.03 5.31
CA VAL B 96 34.75 0.67 5.82
C VAL B 96 33.91 0.56 7.09
N ILE B 97 32.92 -0.32 7.05
CA ILE B 97 31.99 -0.48 8.16
C ILE B 97 32.00 -1.92 8.68
N GLY B 98 32.84 -2.75 8.07
CA GLY B 98 32.95 -4.14 8.48
C GLY B 98 33.85 -4.94 7.57
N TRP B 99 33.88 -6.25 7.78
CA TRP B 99 34.63 -7.15 6.92
C TRP B 99 33.80 -8.40 6.71
N PHE B 100 34.22 -9.24 5.76
CA PHE B 100 33.49 -10.47 5.50
C PHE B 100 34.43 -11.64 5.31
N CYS B 101 33.91 -12.83 5.55
CA CYS B 101 34.68 -14.05 5.40
C CYS B 101 33.82 -15.11 4.73
N PHE B 102 34.30 -15.64 3.62
CA PHE B 102 33.55 -16.65 2.88
C PHE B 102 34.23 -18.01 2.97
N ARG B 103 33.47 -19.02 3.38
CA ARG B 103 34.01 -20.37 3.51
C ARG B 103 33.27 -21.36 2.62
N ARG B 104 34.02 -22.20 1.92
CA ARG B 104 33.45 -23.20 1.02
C ARG B 104 33.20 -24.54 1.69
N ASN B 105 32.38 -25.35 1.04
CA ASN B 105 32.15 -26.74 1.41
C ASN B 105 31.86 -26.94 2.90
N THR B 106 31.18 -25.98 3.49
CA THR B 106 30.76 -26.10 4.88
C THR B 106 29.40 -25.46 5.09
N THR B 107 28.63 -26.05 6.00
CA THR B 107 27.33 -25.51 6.35
C THR B 107 27.43 -24.72 7.65
N ASN B 108 28.53 -24.95 8.38
CA ASN B 108 28.77 -24.27 9.65
C ASN B 108 28.92 -22.76 9.47
N LEU B 109 28.18 -22.01 10.27
CA LEU B 109 28.18 -20.56 10.19
C LEU B 109 28.55 -19.94 11.53
N THR B 110 29.48 -20.55 12.24
CA THR B 110 29.91 -20.09 13.55
C THR B 110 31.25 -19.35 13.48
N LEU B 111 31.37 -18.27 14.25
CA LEU B 111 32.61 -17.50 14.26
C LEU B 111 33.76 -18.29 14.87
N THR B 112 34.83 -18.44 14.11
CA THR B 112 36.03 -19.13 14.57
C THR B 112 36.88 -18.19 15.41
N LEU B 113 37.77 -18.73 16.24
CA LEU B 113 38.62 -17.92 17.10
C LEU B 113 39.48 -16.94 16.30
N LYS B 114 40.02 -17.41 15.19
CA LYS B 114 40.79 -16.57 14.28
C LYS B 114 39.93 -15.44 13.71
N ASP B 115 38.67 -15.76 13.42
CA ASP B 115 37.73 -14.77 12.89
C ASP B 115 37.52 -13.64 13.88
N LYS B 116 37.35 -14.00 15.15
CA LYS B 116 37.08 -13.03 16.20
C LYS B 116 38.27 -12.10 16.39
N LEU B 117 39.47 -12.68 16.36
CA LEU B 117 40.69 -11.90 16.49
C LEU B 117 40.82 -10.89 15.36
N LEU B 118 40.39 -11.29 14.16
CA LEU B 118 40.45 -10.39 13.01
C LEU B 118 39.40 -9.30 13.09
N HIS B 119 38.22 -9.66 13.59
CA HIS B 119 37.16 -8.69 13.80
C HIS B 119 37.59 -7.63 14.80
N LYS B 120 38.16 -8.07 15.91
CA LYS B 120 38.63 -7.17 16.95
C LYS B 120 39.71 -6.22 16.41
N GLN B 121 40.63 -6.77 15.64
CA GLN B 121 41.70 -5.96 15.06
C GLN B 121 41.14 -4.95 14.07
N PHE B 122 40.37 -5.43 13.10
CA PHE B 122 39.75 -4.56 12.10
C PHE B 122 38.85 -3.51 12.75
N ALA B 123 38.02 -3.95 13.68
CA ALA B 123 37.15 -3.03 14.41
C ALA B 123 37.96 -1.92 15.08
N SER B 124 39.01 -2.29 15.80
CA SER B 124 39.85 -1.32 16.48
C SER B 124 40.49 -0.34 15.51
N HIS B 125 41.03 -0.86 14.42
CA HIS B 125 41.72 -0.03 13.43
C HIS B 125 40.82 1.06 12.87
N PHE B 126 39.71 0.67 12.25
CA PHE B 126 38.83 1.63 11.59
C PHE B 126 37.97 2.42 12.58
N SER B 127 37.90 1.95 13.82
CA SER B 127 37.14 2.66 14.85
C SER B 127 37.73 4.04 15.12
N GLY B 128 38.98 4.06 15.58
CA GLY B 128 39.64 5.31 15.92
C GLY B 128 39.96 6.16 14.71
N VAL B 129 40.23 5.51 13.58
CA VAL B 129 40.61 6.23 12.37
C VAL B 129 39.44 6.98 11.75
N ASN B 130 38.44 6.24 11.25
CA ASN B 130 37.31 6.87 10.58
C ASN B 130 36.06 6.00 10.52
N GLY B 131 36.25 4.68 10.45
CA GLY B 131 35.15 3.75 10.27
C GLY B 131 34.15 3.66 11.40
N CYS B 132 33.69 4.82 11.88
CA CYS B 132 32.62 4.90 12.88
C CYS B 132 32.98 4.19 14.19
N LYS B 133 31.96 3.92 15.01
CA LYS B 133 32.16 3.34 16.33
C LYS B 133 32.51 1.86 16.30
N GLU B 134 33.19 1.41 17.36
CA GLU B 134 33.64 0.04 17.49
C GLU B 134 32.48 -0.90 17.83
N ASP B 135 31.41 -0.31 18.37
CA ASP B 135 30.25 -1.08 18.79
C ASP B 135 29.60 -1.86 17.65
N PHE B 136 29.51 -1.25 16.47
CA PHE B 136 28.84 -1.93 15.37
C PHE B 136 29.66 -2.03 14.09
N PHE B 137 30.97 -2.24 14.24
CA PHE B 137 31.77 -2.70 13.12
C PHE B 137 31.26 -4.09 12.79
N LEU B 138 31.13 -4.41 11.51
CA LEU B 138 30.43 -5.62 11.12
C LEU B 138 31.34 -6.76 10.74
N THR B 139 30.92 -7.97 11.09
CA THR B 139 31.49 -9.18 10.53
C THR B 139 30.40 -9.92 9.79
N CYS B 140 30.54 -10.02 8.47
CA CYS B 140 29.64 -10.84 7.64
C CYS B 140 30.25 -12.21 7.42
N LEU B 141 29.52 -13.25 7.78
CA LEU B 141 30.01 -14.61 7.64
C LEU B 141 29.19 -15.35 6.58
N LEU B 142 29.85 -15.78 5.51
CA LEU B 142 29.17 -16.45 4.42
C LEU B 142 29.76 -17.83 4.16
N ASN B 143 28.95 -18.73 3.62
CA ASN B 143 29.45 -20.04 3.19
C ASN B 143 28.65 -20.65 2.04
N ALA B 144 29.21 -21.68 1.43
CA ALA B 144 28.57 -22.36 0.32
C ALA B 144 28.77 -23.88 0.43
N SER B 145 27.71 -24.62 0.13
CA SER B 145 27.79 -26.08 0.14
C SER B 145 26.86 -26.66 -0.92
N THR B 146 27.09 -27.92 -1.29
CA THR B 146 26.27 -28.57 -2.29
C THR B 146 25.80 -29.93 -1.80
N SER B 147 24.68 -30.39 -2.33
CA SER B 147 24.18 -31.72 -2.02
C SER B 147 25.12 -32.79 -2.56
N GLU B 148 24.78 -34.05 -2.35
N GLU B 148 24.77 -34.06 -2.37
CA GLU B 148 25.60 -35.16 -2.82
CA GLU B 148 25.61 -35.16 -2.82
C GLU B 148 25.78 -35.14 -4.34
C GLU B 148 25.77 -35.18 -4.34
N THR B 149 24.71 -34.81 -5.06
CA THR B 149 24.76 -34.80 -6.52
C THR B 149 25.20 -33.43 -7.04
N SER B 150 25.35 -32.48 -6.12
CA SER B 150 25.70 -31.10 -6.45
C SER B 150 24.61 -30.44 -7.28
N GLY B 151 23.41 -30.99 -7.23
CA GLY B 151 22.28 -30.43 -7.95
C GLY B 151 21.64 -29.30 -7.18
N THR B 152 21.91 -29.26 -5.87
CA THR B 152 21.37 -28.23 -5.00
C THR B 152 22.48 -27.53 -4.22
N HIS B 153 22.64 -26.23 -4.48
CA HIS B 153 23.67 -25.43 -3.83
C HIS B 153 23.06 -24.54 -2.74
N LYS B 154 23.68 -24.57 -1.57
CA LYS B 154 23.17 -23.81 -0.43
C LYS B 154 24.12 -22.67 -0.04
N PHE B 155 23.57 -21.46 0.08
CA PHE B 155 24.36 -20.30 0.46
C PHE B 155 23.83 -19.67 1.74
N ARG B 156 24.66 -19.67 2.78
CA ARG B 156 24.27 -19.10 4.07
C ARG B 156 25.11 -17.89 4.45
N HIS B 157 24.49 -16.91 5.09
CA HIS B 157 25.21 -15.73 5.55
C HIS B 157 24.54 -15.09 6.76
N VAL B 158 25.33 -14.35 7.53
CA VAL B 158 24.84 -13.70 8.74
C VAL B 158 25.77 -12.56 9.14
N PHE B 159 25.19 -11.49 9.67
CA PHE B 159 25.98 -10.36 10.16
C PHE B 159 26.05 -10.40 11.68
N LEU B 160 27.21 -10.04 12.22
CA LEU B 160 27.38 -9.95 13.67
C LEU B 160 28.22 -8.73 14.04
N ARG B 161 28.25 -8.42 15.33
CA ARG B 161 29.12 -7.36 15.84
C ARG B 161 29.56 -7.69 17.26
N HIS B 162 30.50 -6.90 17.76
CA HIS B 162 31.02 -7.11 19.11
C HIS B 162 30.43 -6.07 20.06
N ASN B 163 29.38 -6.45 20.78
CA ASN B 163 28.72 -5.50 21.68
C ASN B 163 29.61 -5.18 22.88
N LYS B 164 29.20 -4.17 23.65
CA LYS B 164 30.01 -3.67 24.77
C LYS B 164 30.30 -4.73 25.83
N ARG B 165 29.44 -5.73 25.92
CA ARG B 165 29.61 -6.79 26.93
C ARG B 165 30.52 -7.91 26.43
N GLY B 166 31.37 -7.60 25.46
CA GLY B 166 32.35 -8.54 24.96
C GLY B 166 31.76 -9.77 24.31
N MSE B 167 30.56 -9.63 23.76
CA MSE B 167 29.85 -10.74 23.16
C MSE B 167 29.65 -10.52 21.65
O MSE B 167 29.57 -9.38 21.18
CB MSE B 167 28.49 -10.95 23.84
CG MSE B 167 28.06 -12.40 23.98
SE MSE B 167 29.23 -13.42 25.16
CE MSE B 167 28.26 -15.11 25.16
N PHE B 168 29.60 -11.61 20.89
CA PHE B 168 29.26 -11.52 19.47
C PHE B 168 27.80 -11.84 19.27
N GLU B 169 27.02 -10.85 18.88
CA GLU B 169 25.59 -11.06 18.64
C GLU B 169 25.22 -10.80 17.20
N PRO B 170 24.39 -11.69 16.63
CA PRO B 170 23.89 -11.58 15.26
C PRO B 170 22.99 -10.35 15.08
N ILE B 171 23.00 -9.78 13.88
CA ILE B 171 22.21 -8.59 13.57
C ILE B 171 21.21 -8.85 12.44
N SER B 172 19.99 -8.35 12.62
CA SER B 172 18.96 -8.47 11.59
C SER B 172 19.44 -7.89 10.26
N LEU B 173 19.20 -8.62 9.18
CA LEU B 173 19.54 -8.16 7.85
C LEU B 173 18.27 -7.94 7.02
N LYS B 174 18.21 -6.79 6.34
CA LYS B 174 17.09 -6.53 5.44
C LYS B 174 17.62 -6.30 4.03
N ILE B 175 17.24 -7.19 3.11
CA ILE B 175 17.57 -7.00 1.71
C ILE B 175 16.50 -6.13 1.05
N ASN B 176 16.83 -4.85 0.86
CA ASN B 176 15.88 -3.92 0.28
C ASN B 176 15.44 -4.34 -1.11
N ASN B 177 14.13 -4.44 -1.29
CA ASN B 177 13.56 -4.90 -2.55
C ASN B 177 12.22 -4.23 -2.81
N LEU B 178 11.64 -4.51 -3.97
CA LEU B 178 10.43 -3.84 -4.41
C LEU B 178 9.23 -4.16 -3.53
N GLY B 179 9.29 -5.29 -2.84
CA GLY B 179 8.19 -5.73 -1.98
C GLY B 179 8.27 -5.19 -0.58
N ASP B 180 9.49 -5.00 -0.08
CA ASP B 180 9.69 -4.43 1.25
C ASP B 180 11.11 -3.89 1.41
N ASP B 181 11.24 -2.78 2.13
CA ASP B 181 12.54 -2.20 2.42
C ASP B 181 12.55 -1.61 3.83
N ALA B 182 13.74 -1.19 4.26
CA ALA B 182 13.93 -0.71 5.64
C ALA B 182 13.22 0.61 5.93
N SER B 183 12.93 1.39 4.90
CA SER B 183 12.36 2.72 5.10
C SER B 183 10.88 2.67 5.48
N ARG B 184 10.30 1.48 5.45
CA ARG B 184 8.90 1.30 5.82
C ARG B 184 8.76 1.03 7.32
N HIS B 185 9.05 2.05 8.13
CA HIS B 185 8.98 1.92 9.58
C HIS B 185 7.53 1.75 10.04
N SER B 188 4.98 4.23 8.61
CA SER B 188 4.14 4.70 7.51
C SER B 188 4.91 4.70 6.19
N ASP B 189 4.26 5.17 5.14
CA ASP B 189 4.84 5.18 3.81
C ASP B 189 5.85 6.32 3.63
N TYR B 190 5.87 7.25 4.57
CA TYR B 190 6.83 8.35 4.52
C TYR B 190 8.24 7.87 4.85
N LYS B 191 9.21 8.37 4.10
CA LYS B 191 10.61 8.09 4.39
C LYS B 191 11.16 9.18 5.28
N PRO B 192 11.47 8.83 6.54
CA PRO B 192 11.91 9.77 7.57
C PRO B 192 13.31 10.32 7.32
N THR B 193 13.51 11.59 7.68
CA THR B 193 14.84 12.19 7.62
C THR B 193 15.69 11.69 8.78
N PRO B 194 16.89 11.18 8.48
CA PRO B 194 17.82 10.72 9.51
C PRO B 194 18.52 11.87 10.25
N VAL B 195 19.15 11.54 11.38
CA VAL B 195 20.00 12.48 12.08
C VAL B 195 21.11 12.98 11.15
N ARG B 196 21.28 14.29 11.07
CA ARG B 196 22.26 14.89 10.17
C ARG B 196 23.68 14.65 10.66
N LYS B 197 24.64 14.83 9.76
CA LYS B 197 26.06 14.65 10.11
C LYS B 197 26.96 15.23 9.02
N SER B 204 27.15 9.32 -5.14
CA SER B 204 27.58 9.64 -6.50
C SER B 204 26.38 9.76 -7.44
N PHE B 205 25.37 8.93 -7.20
CA PHE B 205 24.12 9.00 -7.96
C PHE B 205 23.54 10.41 -7.83
N THR B 206 23.68 10.98 -6.64
CA THR B 206 23.25 12.35 -6.38
C THR B 206 24.12 13.34 -7.16
N LYS B 207 25.40 13.02 -7.31
CA LYS B 207 26.30 13.85 -8.09
C LYS B 207 25.87 13.87 -9.55
N LEU B 208 25.29 12.77 -10.01
CA LEU B 208 24.81 12.66 -11.38
C LEU B 208 23.59 13.54 -11.60
N ILE B 209 22.59 13.39 -10.74
CA ILE B 209 21.38 14.20 -10.80
C ILE B 209 21.68 15.69 -10.75
N GLU B 210 22.64 16.06 -9.91
CA GLU B 210 23.01 17.46 -9.77
C GLU B 210 23.70 18.02 -11.02
N SER B 211 24.53 17.19 -11.66
CA SER B 211 25.27 17.61 -12.84
C SER B 211 24.31 17.86 -14.01
N LEU B 212 23.22 17.10 -14.03
CA LEU B 212 22.20 17.26 -15.05
C LEU B 212 21.14 18.26 -14.64
N ASN B 213 21.33 18.88 -13.47
CA ASN B 213 20.37 19.85 -12.97
C ASN B 213 18.98 19.24 -12.76
N LEU B 214 18.95 17.93 -12.53
CA LEU B 214 17.68 17.19 -12.41
C LEU B 214 17.07 17.26 -11.00
N ASP B 215 17.81 17.78 -10.04
CA ASP B 215 17.32 17.86 -8.67
C ASP B 215 16.31 18.98 -8.45
N VAL B 216 15.68 19.44 -9.54
CA VAL B 216 14.67 20.49 -9.45
C VAL B 216 13.53 20.26 -10.46
N ALA B 217 12.32 20.68 -10.08
CA ALA B 217 11.15 20.54 -10.93
C ALA B 217 9.92 21.16 -10.28
N GLY B 221 7.45 21.17 -12.92
CA GLY B 221 6.48 20.32 -13.62
C GLY B 221 7.10 19.63 -14.82
N LEU B 222 8.25 19.01 -14.60
CA LEU B 222 9.01 18.37 -15.66
C LEU B 222 8.75 16.87 -15.79
N ASP B 223 8.20 16.28 -14.72
CA ASP B 223 8.16 14.83 -14.55
C ASP B 223 9.56 14.36 -14.17
N SER B 224 9.96 14.74 -12.96
CA SER B 224 11.32 14.51 -12.48
C SER B 224 11.65 13.02 -12.32
N ALA B 225 10.67 12.24 -11.89
CA ALA B 225 10.89 10.80 -11.68
C ALA B 225 11.37 10.14 -12.96
N MSE B 226 10.68 10.41 -14.06
CA MSE B 226 11.00 9.81 -15.34
C MSE B 226 12.35 10.31 -15.86
O MSE B 226 13.16 9.51 -16.35
CB MSE B 226 9.91 10.09 -16.37
CG MSE B 226 10.06 9.28 -17.65
SE MSE B 226 10.09 7.35 -17.33
CE MSE B 226 10.04 6.73 -19.17
N LEU B 227 12.58 11.61 -15.74
CA LEU B 227 13.83 12.22 -16.19
C LEU B 227 15.04 11.68 -15.41
N ILE B 228 14.87 11.45 -14.11
CA ILE B 228 15.93 10.89 -13.28
C ILE B 228 16.20 9.44 -13.67
N GLN B 229 15.15 8.66 -13.82
CA GLN B 229 15.26 7.26 -14.24
C GLN B 229 15.98 7.11 -15.58
N LYS B 230 15.57 7.92 -16.56
CA LYS B 230 16.18 7.86 -17.89
C LYS B 230 17.66 8.22 -17.83
N ALA B 231 17.97 9.28 -17.07
CA ALA B 231 19.34 9.72 -16.88
C ALA B 231 20.18 8.61 -16.24
N ALA B 232 19.59 7.93 -15.26
CA ALA B 232 20.22 6.78 -14.64
C ALA B 232 20.51 5.72 -15.69
N GLU B 233 19.51 5.42 -16.52
CA GLU B 233 19.66 4.42 -17.56
C GLU B 233 20.80 4.77 -18.52
N HIS B 234 20.84 6.03 -18.95
CA HIS B 234 21.89 6.48 -19.86
C HIS B 234 23.27 6.36 -19.21
N HIS B 235 23.35 6.74 -17.94
CA HIS B 235 24.61 6.68 -17.21
C HIS B 235 25.08 5.24 -17.05
N LEU B 236 24.15 4.38 -16.64
CA LEU B 236 24.38 2.96 -16.51
C LEU B 236 24.99 2.38 -17.79
N MSE B 237 24.51 2.86 -18.93
CA MSE B 237 24.98 2.35 -20.23
C MSE B 237 26.42 2.75 -20.53
O MSE B 237 27.15 2.00 -21.18
CB MSE B 237 24.05 2.83 -21.34
CG MSE B 237 23.48 1.72 -22.18
SE MSE B 237 22.54 0.40 -21.08
CE MSE B 237 22.36 -1.02 -22.41
N SER B 238 26.84 3.92 -20.07
CA SER B 238 28.18 4.41 -20.35
C SER B 238 29.21 3.82 -19.39
N LEU B 239 28.72 3.17 -18.32
CA LEU B 239 29.60 2.57 -17.32
C LEU B 239 30.04 1.16 -17.71
N ILE B 240 29.22 0.51 -18.53
CA ILE B 240 29.43 -0.88 -18.89
C ILE B 240 30.83 -1.14 -19.46
N PRO B 241 31.27 -0.34 -20.44
CA PRO B 241 32.63 -0.50 -20.97
C PRO B 241 33.71 -0.20 -19.93
N LYS B 242 33.43 0.72 -19.02
CA LYS B 242 34.37 1.06 -17.96
C LYS B 242 34.53 -0.09 -16.97
N VAL B 243 33.42 -0.76 -16.64
CA VAL B 243 33.47 -1.90 -15.74
C VAL B 243 34.29 -3.02 -16.38
N CYS B 244 33.99 -3.33 -17.64
CA CYS B 244 34.74 -4.31 -18.40
C CYS B 244 36.24 -4.00 -18.43
N GLU B 245 36.58 -2.75 -18.79
CA GLU B 245 37.97 -2.34 -18.90
C GLU B 245 38.74 -2.55 -17.59
N SER B 246 38.12 -2.14 -16.48
CA SER B 246 38.76 -2.29 -15.17
C SER B 246 38.85 -3.75 -14.74
N ASP B 247 37.84 -4.53 -15.08
CA ASP B 247 37.83 -5.96 -14.74
C ASP B 247 38.99 -6.69 -15.40
N LEU B 248 39.23 -6.37 -16.67
CA LEU B 248 40.32 -7.00 -17.41
C LEU B 248 41.66 -6.56 -16.85
N GLU B 249 41.78 -5.28 -16.54
CA GLU B 249 43.03 -4.74 -15.99
C GLU B 249 43.40 -5.46 -14.70
N VAL B 250 42.47 -5.52 -13.75
CA VAL B 250 42.76 -6.14 -12.47
C VAL B 250 42.91 -7.66 -12.62
N ALA B 251 42.28 -8.23 -13.64
CA ALA B 251 42.36 -9.67 -13.85
C ALA B 251 43.73 -10.08 -14.38
N GLU B 252 44.32 -9.23 -15.21
CA GLU B 252 45.65 -9.51 -15.75
C GLU B 252 46.69 -9.39 -14.64
N LEU B 253 46.54 -8.38 -13.79
CA LEU B 253 47.46 -8.16 -12.69
C LEU B 253 47.40 -9.27 -11.65
N GLU B 254 46.20 -9.75 -11.36
CA GLU B 254 46.03 -10.89 -10.46
C GLU B 254 46.80 -12.10 -10.99
N LYS B 255 46.71 -12.31 -12.30
CA LYS B 255 47.39 -13.42 -12.96
C LYS B 255 48.90 -13.29 -12.87
N GLN B 256 49.41 -12.09 -13.12
CA GLN B 256 50.85 -11.82 -13.08
C GLN B 256 51.42 -11.96 -11.68
N VAL B 257 50.68 -11.49 -10.69
CA VAL B 257 51.14 -11.56 -9.30
C VAL B 257 51.14 -13.00 -8.79
N HIS B 258 50.10 -13.76 -9.14
CA HIS B 258 50.01 -15.15 -8.67
C HIS B 258 51.16 -16.00 -9.19
N GLU B 259 51.58 -15.72 -10.43
CA GLU B 259 52.63 -16.51 -11.07
C GLU B 259 53.99 -16.24 -10.41
N LEU B 260 54.29 -14.97 -10.17
CA LEU B 260 55.54 -14.61 -9.49
C LEU B 260 55.61 -15.22 -8.09
N LYS B 261 54.52 -15.09 -7.33
CA LYS B 261 54.44 -15.68 -6.00
C LYS B 261 54.76 -17.17 -6.02
N ILE B 262 54.28 -17.86 -7.05
CA ILE B 262 54.58 -19.28 -7.22
C ILE B 262 56.03 -19.48 -7.64
N LYS B 263 56.53 -18.58 -8.47
CA LYS B 263 57.91 -18.64 -8.93
C LYS B 263 58.87 -18.44 -7.76
N ILE B 264 58.53 -17.51 -6.88
CA ILE B 264 59.33 -17.25 -5.70
C ILE B 264 59.18 -18.37 -4.68
N ALA B 265 57.96 -18.89 -4.55
CA ALA B 265 57.66 -19.94 -3.58
C ALA B 265 58.46 -21.21 -3.85
N THR B 266 58.57 -21.59 -5.13
CA THR B 266 59.29 -22.81 -5.49
C THR B 266 60.78 -22.68 -5.19
N GLN B 267 61.29 -21.45 -5.31
CA GLN B 267 62.71 -21.18 -5.04
C GLN B 267 63.06 -21.46 -3.58
N GLN B 268 62.22 -21.00 -2.67
CA GLN B 268 62.44 -21.22 -1.24
C GLN B 268 62.35 -22.70 -0.90
N LEU B 269 61.57 -23.44 -1.68
CA LEU B 269 61.50 -24.89 -1.53
C LEU B 269 62.85 -25.53 -1.81
N ALA B 270 63.46 -25.13 -2.93
CA ALA B 270 64.73 -25.69 -3.36
C ALA B 270 65.84 -25.38 -2.37
N LYS B 271 65.80 -24.20 -1.76
CA LYS B 271 66.80 -23.80 -0.79
C LYS B 271 66.54 -24.44 0.57
N ARG B 272 65.40 -25.11 0.70
CA ARG B 272 65.06 -25.83 1.93
C ARG B 272 64.96 -27.32 1.67
N LEU C 8 -28.70 4.11 36.16
CA LEU C 8 -28.99 4.43 34.76
C LEU C 8 -30.05 3.49 34.21
N GLN C 9 -31.22 4.03 33.91
CA GLN C 9 -32.37 3.22 33.49
C GLN C 9 -32.43 3.05 31.97
N LYS C 10 -32.26 4.15 31.24
CA LYS C 10 -32.30 4.10 29.78
C LYS C 10 -31.51 5.25 29.16
N VAL C 11 -31.32 5.20 27.84
CA VAL C 11 -30.59 6.22 27.12
C VAL C 11 -31.42 6.80 25.98
N GLU C 12 -31.44 8.12 25.88
CA GLU C 12 -32.13 8.80 24.79
C GLU C 12 -31.12 9.50 23.89
N LEU C 13 -30.82 8.88 22.76
CA LEU C 13 -29.82 9.39 21.82
C LEU C 13 -30.47 10.12 20.64
N GLN C 14 -30.11 11.39 20.47
CA GLN C 14 -30.71 12.21 19.40
C GLN C 14 -30.29 11.76 18.01
N THR C 15 -31.23 11.80 17.08
CA THR C 15 -31.00 11.35 15.72
C THR C 15 -29.79 12.02 15.05
N ASP C 16 -29.58 13.30 15.33
CA ASP C 16 -28.47 14.03 14.71
C ASP C 16 -27.11 13.58 15.28
N VAL C 17 -27.08 13.23 16.57
CA VAL C 17 -25.88 12.65 17.14
C VAL C 17 -25.63 11.27 16.54
N TYR C 18 -26.69 10.47 16.49
CA TYR C 18 -26.66 9.15 15.89
C TYR C 18 -26.06 9.19 14.48
N MSE C 19 -26.46 10.21 13.72
CA MSE C 19 -25.98 10.37 12.36
C MSE C 19 -24.48 10.65 12.34
O MSE C 19 -23.75 10.12 11.50
CB MSE C 19 -26.74 11.48 11.65
CG MSE C 19 -26.26 11.74 10.23
SE MSE C 19 -27.15 13.25 9.42
CE MSE C 19 -25.93 13.53 7.93
N VAL C 20 -24.01 11.49 13.26
CA VAL C 20 -22.58 11.79 13.35
C VAL C 20 -21.78 10.53 13.65
N CYS C 21 -22.23 9.75 14.63
CA CYS C 21 -21.55 8.52 15.01
C CYS C 21 -21.51 7.51 13.87
N LEU C 22 -22.65 7.34 13.21
CA LEU C 22 -22.72 6.43 12.07
C LEU C 22 -21.76 6.88 10.98
N GLN C 23 -21.77 8.17 10.66
CA GLN C 23 -20.90 8.72 9.64
C GLN C 23 -19.43 8.48 9.97
N HIS C 24 -19.10 8.64 11.25
CA HIS C 24 -17.74 8.40 11.72
C HIS C 24 -17.36 6.93 11.59
N ALA C 25 -18.31 6.05 11.90
CA ALA C 25 -18.10 4.61 11.79
C ALA C 25 -17.84 4.21 10.34
N LEU C 26 -18.49 4.90 9.40
CA LEU C 26 -18.41 4.55 7.98
C LEU C 26 -17.23 5.21 7.28
N SER C 27 -16.36 5.85 8.05
CA SER C 27 -15.21 6.55 7.47
C SER C 27 -14.10 5.58 7.07
N THR C 28 -13.91 4.52 7.86
CA THR C 28 -12.87 3.55 7.55
C THR C 28 -13.35 2.12 7.80
N GLU C 29 -12.84 1.20 7.00
CA GLU C 29 -13.25 -0.19 7.03
C GLU C 29 -12.22 -1.07 7.73
N ASN C 30 -10.99 -0.58 7.79
CA ASN C 30 -9.87 -1.36 8.27
C ASN C 30 -9.38 -0.97 9.66
N PHE C 31 -10.10 -0.07 10.32
CA PHE C 31 -9.74 0.35 11.67
C PHE C 31 -10.97 0.63 12.52
N GLU C 32 -10.80 0.55 13.84
CA GLU C 32 -11.85 0.91 14.77
C GLU C 32 -11.79 2.41 15.03
N VAL C 33 -12.95 3.06 15.02
CA VAL C 33 -13.02 4.50 15.21
C VAL C 33 -13.68 4.78 16.55
N MSE C 34 -13.41 5.95 17.13
CA MSE C 34 -13.84 6.21 18.50
C MSE C 34 -14.21 7.67 18.76
O MSE C 34 -13.77 8.56 18.05
CB MSE C 34 -12.72 5.79 19.47
CG MSE C 34 -13.06 5.95 20.94
SE MSE C 34 -11.63 5.30 22.10
CE MSE C 34 -11.60 3.43 21.56
N GLY C 35 -15.03 7.89 19.78
CA GLY C 35 -15.46 9.22 20.14
C GLY C 35 -16.24 9.25 21.44
N LEU C 36 -16.39 10.45 22.02
CA LEU C 36 -17.08 10.61 23.29
C LEU C 36 -18.49 11.17 23.10
N LEU C 37 -19.38 10.86 24.04
CA LEU C 37 -20.76 11.34 24.00
C LEU C 37 -20.99 12.41 25.07
N ILE C 38 -21.80 13.41 24.74
CA ILE C 38 -22.10 14.49 25.67
C ILE C 38 -23.61 14.66 25.86
N GLY C 39 -24.02 14.99 27.07
CA GLY C 39 -25.43 15.22 27.35
C GLY C 39 -25.73 15.60 28.78
N ASN C 40 -26.91 15.21 29.24
CA ASN C 40 -27.33 15.46 30.62
C ASN C 40 -28.01 14.23 31.21
N PHE C 41 -27.71 13.96 32.48
CA PHE C 41 -28.27 12.80 33.16
C PHE C 41 -29.26 13.24 34.23
N ALA C 42 -30.52 12.83 34.08
CA ALA C 42 -31.58 13.22 34.99
C ALA C 42 -31.99 12.07 35.89
N CYS C 43 -33.22 11.60 35.72
CA CYS C 43 -33.77 10.54 36.56
C CYS C 43 -33.62 9.16 35.92
N GLY C 44 -32.39 8.66 35.85
CA GLY C 44 -32.13 7.33 35.35
C GLY C 44 -31.83 7.28 33.87
N ILE C 45 -32.27 8.29 33.13
CA ILE C 45 -32.06 8.33 31.69
C ILE C 45 -30.99 9.34 31.31
N ALA C 46 -30.20 8.99 30.30
CA ALA C 46 -29.15 9.87 29.80
C ALA C 46 -29.56 10.44 28.45
N LYS C 47 -29.83 11.74 28.41
CA LYS C 47 -30.16 12.42 27.17
C LYS C 47 -28.87 12.88 26.48
N ILE C 48 -28.51 12.18 25.41
CA ILE C 48 -27.30 12.49 24.66
C ILE C 48 -27.62 13.43 23.50
N SER C 49 -27.05 14.63 23.54
CA SER C 49 -27.34 15.63 22.51
C SER C 49 -26.09 16.20 21.86
N ALA C 50 -24.93 15.68 22.21
CA ALA C 50 -23.67 16.16 21.64
C ALA C 50 -22.64 15.05 21.49
N VAL C 51 -21.61 15.30 20.69
CA VAL C 51 -20.64 14.27 20.37
C VAL C 51 -19.27 14.83 19.98
N ILE C 52 -18.22 14.14 20.41
CA ILE C 52 -16.85 14.54 20.12
C ILE C 52 -16.09 13.46 19.35
N ILE C 53 -15.55 13.82 18.19
CA ILE C 53 -14.76 12.88 17.41
C ILE C 53 -13.30 12.91 17.84
N LEU C 54 -12.75 11.73 18.15
CA LEU C 54 -11.40 11.65 18.70
C LEU C 54 -10.38 11.11 17.69
N ARG C 55 -9.13 11.52 17.86
CA ARG C 55 -8.02 11.02 17.07
C ARG C 55 -7.68 9.57 17.44
N ARG C 56 -6.79 8.97 16.68
CA ARG C 56 -6.32 7.62 16.96
C ARG C 56 -5.16 7.25 16.04
N SER C 67 -7.37 8.98 26.04
CA SER C 67 -6.23 9.89 26.16
C SER C 67 -6.52 11.04 27.12
N SER C 68 -5.46 11.61 27.69
CA SER C 68 -5.60 12.68 28.66
C SER C 68 -5.92 14.02 28.00
N GLU C 69 -5.20 14.34 26.92
CA GLU C 69 -5.41 15.59 26.21
C GLU C 69 -6.73 15.58 25.46
N GLN C 70 -7.18 14.39 25.07
CA GLN C 70 -8.47 14.24 24.39
C GLN C 70 -9.62 14.50 25.35
N LEU C 71 -9.54 13.94 26.54
CA LEU C 71 -10.54 14.15 27.57
C LEU C 71 -10.72 15.63 27.85
N LEU C 72 -9.61 16.36 27.87
CA LEU C 72 -9.63 17.79 28.16
C LEU C 72 -10.46 18.55 27.13
N LYS C 73 -10.20 18.29 25.85
CA LYS C 73 -10.92 18.99 24.79
C LYS C 73 -12.39 18.62 24.77
N ALA C 74 -12.70 17.39 25.18
CA ALA C 74 -14.08 16.95 25.25
C ALA C 74 -14.78 17.56 26.47
N ALA C 75 -14.06 17.67 27.56
CA ALA C 75 -14.57 18.30 28.78
C ALA C 75 -14.79 19.79 28.54
N ALA C 76 -13.88 20.40 27.78
CA ALA C 76 -13.97 21.81 27.45
C ALA C 76 -15.20 22.08 26.58
N GLU C 77 -15.47 21.18 25.65
CA GLU C 77 -16.63 21.30 24.77
C GLU C 77 -17.91 21.33 25.58
N ALA C 78 -18.06 20.37 26.49
CA ALA C 78 -19.26 20.29 27.33
C ALA C 78 -19.45 21.56 28.14
N GLU C 79 -18.35 22.12 28.63
CA GLU C 79 -18.41 23.38 29.38
C GLU C 79 -18.93 24.51 28.50
N ARG C 80 -18.47 24.55 27.25
CA ARG C 80 -18.87 25.61 26.34
C ARG C 80 -20.32 25.44 25.90
N LEU C 81 -20.78 24.20 25.84
CA LEU C 81 -22.16 23.91 25.47
C LEU C 81 -23.11 24.26 26.60
N THR C 82 -22.68 24.01 27.83
CA THR C 82 -23.48 24.33 29.01
C THR C 82 -23.82 25.82 29.04
N VAL C 83 -22.86 26.66 28.66
CA VAL C 83 -23.06 28.10 28.62
C VAL C 83 -23.92 28.52 27.43
N GLU C 84 -23.64 27.95 26.27
CA GLU C 84 -24.32 28.35 25.04
C GLU C 84 -25.77 27.87 25.01
N LEU C 85 -26.01 26.65 25.47
CA LEU C 85 -27.36 26.08 25.46
C LEU C 85 -28.06 26.30 26.81
N ASN C 86 -27.31 26.78 27.80
CA ASN C 86 -27.85 27.06 29.12
C ASN C 86 -28.49 25.83 29.76
N ARG C 87 -27.92 24.66 29.47
CA ARG C 87 -28.33 23.43 30.15
C ARG C 87 -27.11 22.55 30.42
N PRO C 88 -27.15 21.80 31.53
CA PRO C 88 -26.03 20.99 32.02
C PRO C 88 -25.51 19.99 30.98
N MSE C 89 -24.31 20.24 30.48
CA MSE C 89 -23.67 19.36 29.50
C MSE C 89 -22.40 18.74 30.06
O MSE C 89 -21.55 19.44 30.62
CB MSE C 89 -23.36 20.12 28.21
CG MSE C 89 -24.58 20.64 27.47
SE MSE C 89 -25.65 19.22 26.68
CE MSE C 89 -26.49 20.25 25.26
N ARG C 90 -22.26 17.43 29.90
CA ARG C 90 -21.05 16.74 30.32
C ARG C 90 -20.86 15.44 29.53
N VAL C 91 -19.63 14.95 29.52
CA VAL C 91 -19.33 13.68 28.86
C VAL C 91 -20.07 12.54 29.54
N LEU C 92 -21.10 12.02 28.85
CA LEU C 92 -21.97 11.00 29.42
C LEU C 92 -21.50 9.57 29.12
N GLY C 93 -20.75 9.41 28.03
CA GLY C 93 -20.32 8.08 27.61
C GLY C 93 -19.38 8.09 26.43
N TRP C 94 -19.21 6.92 25.81
CA TRP C 94 -18.31 6.77 24.69
C TRP C 94 -18.90 5.86 23.62
N TYR C 95 -18.28 5.86 22.45
CA TYR C 95 -18.69 4.99 21.35
C TYR C 95 -17.49 4.60 20.52
N HIS C 96 -17.53 3.43 19.92
CA HIS C 96 -16.51 3.06 18.93
C HIS C 96 -17.03 1.95 18.03
N SER C 97 -16.46 1.87 16.83
CA SER C 97 -17.00 1.02 15.77
C SER C 97 -16.42 -0.38 15.78
N HIS C 98 -17.20 -1.32 15.26
CA HIS C 98 -16.74 -2.68 15.03
C HIS C 98 -16.84 -3.03 13.55
N PRO C 99 -15.85 -2.61 12.76
CA PRO C 99 -15.84 -2.99 11.35
C PRO C 99 -15.50 -4.47 11.21
N HIS C 100 -16.33 -5.21 10.48
CA HIS C 100 -16.14 -6.64 10.30
C HIS C 100 -16.18 -7.38 11.63
N ILE C 101 -17.02 -6.91 12.55
CA ILE C 101 -17.18 -7.52 13.85
C ILE C 101 -18.63 -7.50 14.29
N THR C 102 -18.97 -8.28 15.30
CA THR C 102 -20.30 -8.24 15.89
C THR C 102 -20.39 -7.09 16.89
N VAL C 103 -21.62 -6.62 17.14
CA VAL C 103 -21.84 -5.52 18.07
C VAL C 103 -21.43 -5.88 19.50
N CYS C 104 -21.34 -7.18 19.77
CA CYS C 104 -20.98 -7.66 21.10
C CYS C 104 -19.65 -7.08 21.53
N PRO C 105 -19.65 -6.29 22.62
CA PRO C 105 -18.44 -5.64 23.15
C PRO C 105 -17.34 -6.66 23.47
N SER C 106 -16.17 -6.45 22.88
CA SER C 106 -15.03 -7.31 23.14
C SER C 106 -14.59 -7.20 24.60
N HIS C 107 -13.62 -8.02 24.98
CA HIS C 107 -13.09 -7.99 26.34
C HIS C 107 -12.55 -6.61 26.66
N VAL C 108 -11.91 -5.99 25.66
CA VAL C 108 -11.35 -4.66 25.83
C VAL C 108 -12.45 -3.59 25.89
N ASP C 109 -13.56 -3.83 25.21
CA ASP C 109 -14.70 -2.93 25.26
C ASP C 109 -15.31 -2.88 26.65
N VAL C 110 -15.41 -4.05 27.27
CA VAL C 110 -15.99 -4.17 28.60
C VAL C 110 -15.07 -3.56 29.66
N ARG C 111 -13.76 -3.74 29.47
CA ARG C 111 -12.77 -3.24 30.43
C ARG C 111 -12.68 -1.73 30.39
N THR C 112 -12.66 -1.16 29.19
CA THR C 112 -12.60 0.30 29.03
C THR C 112 -13.87 0.93 29.60
N GLN C 113 -14.99 0.29 29.32
CA GLN C 113 -16.28 0.74 29.84
C GLN C 113 -16.31 0.65 31.36
N ALA C 114 -15.62 -0.35 31.89
CA ALA C 114 -15.59 -0.60 33.33
C ALA C 114 -14.86 0.51 34.08
N THR C 115 -13.66 0.86 33.60
CA THR C 115 -12.86 1.88 34.25
C THR C 115 -13.58 3.23 34.24
N TYR C 116 -14.38 3.44 33.20
CA TYR C 116 -15.16 4.68 33.08
C TYR C 116 -16.26 4.74 34.13
N GLN C 117 -16.79 3.59 34.51
CA GLN C 117 -17.88 3.52 35.49
C GLN C 117 -17.39 3.79 36.91
N THR C 118 -16.15 3.38 37.19
CA THR C 118 -15.55 3.67 38.49
C THR C 118 -15.42 5.18 38.66
N MSE C 119 -15.23 5.86 37.53
CA MSE C 119 -15.15 7.32 37.52
C MSE C 119 -16.55 7.92 37.45
O MSE C 119 -16.77 9.07 37.85
CB MSE C 119 -14.31 7.80 36.34
CG MSE C 119 -13.53 9.08 36.59
SE MSE C 119 -12.10 8.83 37.88
CE MSE C 119 -11.26 10.58 37.78
N ASP C 120 -17.49 7.14 36.93
CA ASP C 120 -18.86 7.62 36.71
C ASP C 120 -19.85 6.49 36.52
N HIS C 121 -20.69 6.26 37.52
CA HIS C 121 -21.82 5.36 37.35
C HIS C 121 -22.75 5.99 36.31
N SER C 122 -23.62 5.19 35.71
CA SER C 122 -24.52 5.69 34.67
C SER C 122 -23.72 6.18 33.47
N PHE C 123 -22.54 5.62 33.26
CA PHE C 123 -21.73 5.95 32.10
C PHE C 123 -21.99 4.93 31.00
N VAL C 124 -22.54 5.39 29.88
CA VAL C 124 -23.01 4.49 28.83
C VAL C 124 -21.98 4.32 27.71
N GLY C 125 -21.92 3.09 27.18
CA GLY C 125 -21.07 2.79 26.05
C GLY C 125 -21.90 2.41 24.83
N LEU C 126 -21.50 2.92 23.67
CA LEU C 126 -22.22 2.64 22.42
C LEU C 126 -21.31 1.98 21.40
N ILE C 127 -21.77 0.85 20.84
CA ILE C 127 -20.99 0.15 19.83
C ILE C 127 -21.71 0.14 18.49
N PHE C 128 -21.04 0.64 17.46
CA PHE C 128 -21.58 0.67 16.10
C PHE C 128 -20.90 -0.37 15.21
N SER C 129 -21.57 -1.49 14.98
CA SER C 129 -21.03 -2.49 14.07
C SER C 129 -21.39 -2.11 12.63
N VAL C 130 -20.37 -2.06 11.76
CA VAL C 130 -20.58 -1.65 10.38
C VAL C 130 -19.81 -2.53 9.40
N PHE C 131 -20.11 -2.37 8.12
CA PHE C 131 -19.43 -3.09 7.05
C PHE C 131 -19.55 -4.60 7.20
N SER C 132 -20.79 -5.06 7.32
CA SER C 132 -21.08 -6.49 7.39
C SER C 132 -22.07 -6.88 6.32
N GLU C 133 -21.56 -7.40 5.20
CA GLU C 133 -22.43 -7.79 4.10
C GLU C 133 -22.44 -9.31 3.93
N GLY C 134 -23.48 -9.83 3.29
CA GLY C 134 -23.62 -11.25 3.05
C GLY C 134 -22.95 -11.67 1.75
N LYS C 135 -22.51 -12.93 1.70
CA LYS C 135 -21.78 -13.46 0.55
C LYS C 135 -22.61 -13.38 -0.74
N GLU C 136 -23.73 -14.09 -0.77
CA GLU C 136 -24.61 -14.05 -1.94
C GLU C 136 -25.87 -13.24 -1.64
N SER C 137 -26.17 -13.10 -0.36
CA SER C 137 -27.32 -12.32 0.08
C SER C 137 -27.18 -10.85 -0.33
N LYS C 138 -25.97 -10.33 -0.20
CA LYS C 138 -25.67 -8.94 -0.55
C LYS C 138 -26.50 -7.96 0.27
N GLU C 139 -26.92 -8.39 1.45
CA GLU C 139 -27.65 -7.55 2.37
C GLU C 139 -26.70 -7.03 3.45
N HIS C 140 -26.86 -5.77 3.82
CA HIS C 140 -26.01 -5.15 4.82
C HIS C 140 -26.70 -5.09 6.18
N GLU C 141 -25.91 -5.10 7.24
CA GLU C 141 -26.43 -4.99 8.59
C GLU C 141 -25.59 -4.04 9.42
N ILE C 142 -26.26 -3.10 10.07
CA ILE C 142 -25.61 -2.21 11.01
C ILE C 142 -26.29 -2.31 12.37
N PHE C 143 -25.53 -2.67 13.39
CA PHE C 143 -26.08 -2.78 14.73
C PHE C 143 -25.64 -1.63 15.63
N LEU C 144 -26.53 -1.22 16.52
CA LEU C 144 -26.19 -0.23 17.53
C LEU C 144 -26.44 -0.82 18.92
N ASN C 145 -25.36 -1.06 19.65
CA ASN C 145 -25.46 -1.68 20.97
C ASN C 145 -25.17 -0.69 22.10
N CYS C 146 -26.13 -0.54 22.99
CA CYS C 146 -25.98 0.31 24.17
C CYS C 146 -25.71 -0.55 25.39
N PHE C 147 -24.55 -0.36 26.02
CA PHE C 147 -24.10 -1.28 27.05
C PHE C 147 -23.38 -0.62 28.21
N GLN C 148 -23.26 -1.37 29.31
CA GLN C 148 -22.38 -1.04 30.42
C GLN C 148 -21.67 -2.31 30.88
N SER C 149 -20.87 -2.21 31.94
CA SER C 149 -20.17 -3.38 32.47
C SER C 149 -20.25 -3.45 33.98
N GLU C 153 -18.24 -8.60 32.20
CA GLU C 153 -19.34 -8.95 31.31
C GLU C 153 -20.12 -7.71 30.90
N ALA C 154 -20.70 -7.73 29.69
CA ALA C 154 -21.41 -6.58 29.16
C ALA C 154 -22.92 -6.68 29.35
N THR C 155 -23.51 -5.69 30.00
CA THR C 155 -24.94 -5.66 30.23
C THR C 155 -25.63 -4.63 29.34
N GLU C 156 -26.64 -5.07 28.60
CA GLU C 156 -27.35 -4.21 27.66
C GLU C 156 -28.24 -3.19 28.36
N ILE C 157 -28.19 -1.96 27.89
CA ILE C 157 -29.03 -0.89 28.41
C ILE C 157 -30.05 -0.45 27.36
N PRO C 158 -31.32 -0.31 27.76
CA PRO C 158 -32.39 0.10 26.84
C PRO C 158 -32.12 1.45 26.18
N LEU C 159 -32.26 1.50 24.86
CA LEU C 159 -31.93 2.69 24.08
C LEU C 159 -33.10 3.14 23.22
N GLU C 160 -33.24 4.46 23.09
CA GLU C 160 -34.27 5.04 22.23
C GLU C 160 -33.72 6.23 21.45
N ILE C 161 -33.61 6.07 20.15
CA ILE C 161 -33.13 7.15 19.29
C ILE C 161 -34.24 8.18 19.09
N VAL C 162 -34.02 9.38 19.61
CA VAL C 162 -35.08 10.39 19.68
C VAL C 162 -35.04 11.39 18.54
N HIS C 163 -36.23 11.67 18.00
CA HIS C 163 -36.39 12.55 16.85
C HIS C 163 -35.85 13.96 17.07
N THR C 164 -35.18 14.48 16.05
CA THR C 164 -34.85 15.90 15.99
C THR C 164 -35.37 16.45 14.66
N PRO C 165 -35.85 17.70 14.67
CA PRO C 165 -36.37 18.35 13.46
C PRO C 165 -35.26 18.74 12.49
N ASP C 166 -34.03 18.77 12.99
CA ASP C 166 -32.90 19.20 12.16
C ASP C 166 -31.59 18.58 12.61
N ILE C 167 -30.52 18.89 11.87
CA ILE C 167 -29.18 18.55 12.29
C ILE C 167 -28.59 19.76 13.02
N SER C 168 -28.23 19.57 14.28
CA SER C 168 -27.71 20.66 15.11
C SER C 168 -26.50 21.32 14.49
N ASP C 169 -26.33 22.61 14.77
CA ASP C 169 -25.14 23.34 14.35
C ASP C 169 -23.88 22.62 14.81
N ARG C 170 -23.92 22.12 16.03
CA ARG C 170 -22.77 21.45 16.63
C ARG C 170 -22.51 20.08 16.00
N CYS C 171 -23.57 19.38 15.62
CA CYS C 171 -23.42 18.07 14.98
C CYS C 171 -22.87 18.22 13.58
N LEU C 172 -23.32 19.25 12.87
CA LEU C 172 -22.80 19.58 11.55
C LEU C 172 -21.30 19.84 11.61
N ARG C 173 -20.89 20.66 12.58
CA ARG C 173 -19.50 21.04 12.72
C ARG C 173 -18.63 19.85 13.14
N THR C 174 -19.21 18.93 13.91
CA THR C 174 -18.50 17.72 14.31
C THR C 174 -18.16 16.84 13.12
N MSE C 175 -19.07 16.77 12.14
CA MSE C 175 -18.84 16.01 10.93
C MSE C 175 -17.64 16.55 10.14
O MSE C 175 -16.84 15.80 9.61
CB MSE C 175 -20.09 16.01 10.04
CG MSE C 175 -21.24 15.17 10.60
SE MSE C 175 -23.03 15.65 9.92
CE MSE C 175 -22.68 15.55 8.00
N THR C 176 -17.54 17.88 10.09
CA THR C 176 -16.46 18.53 9.36
C THR C 176 -15.13 18.42 10.10
N ASP C 177 -15.19 18.16 11.41
CA ASP C 177 -13.99 18.06 12.23
C ASP C 177 -13.20 16.80 11.92
N LEU C 178 -13.89 15.75 11.49
CA LEU C 178 -13.23 14.52 11.07
C LEU C 178 -12.33 14.81 9.87
N SER C 179 -12.81 15.68 8.99
CA SER C 179 -12.05 16.09 7.83
C SER C 179 -10.78 16.83 8.24
N LYS C 180 -10.90 17.69 9.26
CA LYS C 180 -9.76 18.44 9.79
C LYS C 180 -8.75 17.54 10.49
N ILE C 181 -9.26 16.64 11.34
CA ILE C 181 -8.42 15.71 12.07
C ILE C 181 -7.55 14.87 11.13
N LEU C 182 -8.19 14.29 10.13
CA LEU C 182 -7.48 13.43 9.17
C LEU C 182 -6.38 14.20 8.43
N VAL C 183 -6.68 15.44 8.07
CA VAL C 183 -5.70 16.26 7.37
C VAL C 183 -4.56 16.66 8.29
N GLN C 184 -4.88 16.93 9.55
CA GLN C 184 -3.84 17.28 10.53
C GLN C 184 -2.96 16.09 10.85
N GLU C 185 -3.54 14.89 10.85
CA GLU C 185 -2.76 13.67 11.06
C GLU C 185 -1.74 13.52 9.94
N GLU C 186 -2.12 13.96 8.74
CA GLU C 186 -1.27 13.82 7.57
C GLU C 186 -0.19 14.90 7.50
N GLU C 187 -0.53 16.10 7.98
CA GLU C 187 0.41 17.21 7.98
C GLU C 187 1.52 16.98 8.99
N ASP C 188 1.18 16.36 10.11
CA ASP C 188 2.14 16.08 11.16
C ASP C 188 3.16 15.04 10.71
N MSE C 189 2.71 14.07 9.93
CA MSE C 189 3.61 13.03 9.43
C MSE C 189 4.53 13.57 8.35
O MSE C 189 5.72 13.27 8.32
CB MSE C 189 2.82 11.84 8.90
CG MSE C 189 2.03 11.09 9.97
SE MSE C 189 1.14 9.51 9.26
CE MSE C 189 0.07 9.05 10.83
N ALA C 190 3.98 14.37 7.45
CA ALA C 190 4.75 14.97 6.37
C ALA C 190 5.79 15.93 6.92
N GLU C 191 5.47 16.53 8.06
CA GLU C 191 6.35 17.48 8.71
C GLU C 191 7.59 16.80 9.29
N ALA C 192 7.44 15.54 9.69
CA ALA C 192 8.52 14.80 10.34
C ALA C 192 9.56 14.29 9.34
N CYS C 193 9.38 14.61 8.07
CA CYS C 193 10.37 14.30 7.05
C CYS C 193 10.48 15.47 6.07
N LYS C 194 10.24 16.67 6.60
CA LYS C 194 10.15 17.90 5.84
C LYS C 194 11.29 18.13 4.85
N ASP C 195 12.51 18.24 5.35
CA ASP C 195 13.64 18.59 4.50
C ASP C 195 14.58 17.40 4.29
N HIS C 196 14.06 16.34 3.67
CA HIS C 196 14.86 15.16 3.39
C HIS C 196 15.89 15.49 2.32
N PRO C 197 17.18 15.25 2.65
CA PRO C 197 18.32 15.53 1.77
C PRO C 197 18.34 14.73 0.47
N ASP C 198 17.74 13.55 0.45
CA ASP C 198 17.72 12.73 -0.76
C ASP C 198 16.57 13.14 -1.67
N VAL C 199 16.89 13.40 -2.93
CA VAL C 199 15.90 13.86 -3.89
C VAL C 199 14.83 12.80 -4.16
N LEU C 200 15.25 11.54 -4.24
CA LEU C 200 14.31 10.44 -4.44
C LEU C 200 13.34 10.35 -3.27
N ALA C 201 13.88 10.39 -2.06
CA ALA C 201 13.05 10.41 -0.85
C ALA C 201 12.09 11.59 -0.86
N SER C 202 12.63 12.77 -1.17
CA SER C 202 11.84 13.99 -1.20
C SER C 202 10.68 13.88 -2.19
N ILE C 203 10.97 13.38 -3.39
CA ILE C 203 9.93 13.22 -4.41
C ILE C 203 8.92 12.17 -3.99
N HIS C 204 9.42 11.12 -3.33
CA HIS C 204 8.56 10.07 -2.80
C HIS C 204 7.59 10.62 -1.75
N ASN C 205 8.14 11.27 -0.74
CA ASN C 205 7.32 11.79 0.37
C ASN C 205 6.25 12.76 -0.13
N ASN C 206 6.59 13.60 -1.11
CA ASN C 206 5.61 14.53 -1.67
C ASN C 206 4.51 13.81 -2.45
N ALA C 207 4.88 12.78 -3.18
CA ALA C 207 3.90 11.96 -3.88
C ALA C 207 2.99 11.26 -2.89
N VAL C 208 3.58 10.71 -1.83
CA VAL C 208 2.82 10.05 -0.78
C VAL C 208 1.83 11.03 -0.15
N ARG C 209 2.33 12.20 0.21
CA ARG C 209 1.50 13.21 0.85
C ARG C 209 0.39 13.72 -0.07
N THR C 210 0.70 13.84 -1.35
CA THR C 210 -0.28 14.29 -2.34
C THR C 210 -1.43 13.30 -2.48
N ARG C 211 -1.10 12.01 -2.50
CA ARG C 211 -2.12 10.98 -2.63
C ARG C 211 -3.00 10.95 -1.38
N ALA C 212 -2.39 11.17 -0.22
CA ALA C 212 -3.11 11.13 1.04
C ALA C 212 -4.15 12.24 1.14
N LEU C 213 -3.78 13.45 0.72
CA LEU C 213 -4.69 14.58 0.78
C LEU C 213 -5.87 14.43 -0.16
N ILE C 214 -5.59 14.08 -1.42
CA ILE C 214 -6.64 13.89 -2.41
C ILE C 214 -7.53 12.72 -2.01
N HIS C 215 -6.98 11.81 -1.20
CA HIS C 215 -7.72 10.64 -0.71
C HIS C 215 -8.72 11.05 0.35
N ILE C 216 -8.37 12.09 1.12
CA ILE C 216 -9.25 12.61 2.16
C ILE C 216 -10.33 13.49 1.54
N THR C 217 -9.95 14.26 0.54
CA THR C 217 -10.88 15.12 -0.16
C THR C 217 -11.93 14.31 -0.93
N ASP C 218 -11.51 13.20 -1.52
CA ASP C 218 -12.40 12.39 -2.34
C ASP C 218 -13.34 11.51 -1.50
N ILE C 219 -12.80 10.89 -0.45
CA ILE C 219 -13.59 9.96 0.36
C ILE C 219 -14.42 10.68 1.42
N ILE C 220 -13.90 11.75 2.02
CA ILE C 220 -14.56 12.36 3.17
C ILE C 220 -15.07 13.78 2.93
N THR C 221 -14.19 14.68 2.48
CA THR C 221 -14.52 16.09 2.41
C THR C 221 -15.55 16.41 1.32
N LYS C 222 -15.28 15.95 0.10
CA LYS C 222 -16.18 16.22 -1.02
C LYS C 222 -17.57 15.66 -0.79
N PRO C 223 -17.67 14.38 -0.37
CA PRO C 223 -18.95 13.76 -0.04
C PRO C 223 -19.73 14.54 1.03
N LEU C 224 -19.00 15.21 1.92
CA LEU C 224 -19.66 15.98 2.96
C LEU C 224 -20.17 17.29 2.39
N VAL C 225 -19.38 17.90 1.51
CA VAL C 225 -19.80 19.10 0.82
C VAL C 225 -21.04 18.82 -0.02
N GLN C 226 -21.01 17.72 -0.77
CA GLN C 226 -22.13 17.38 -1.64
C GLN C 226 -23.38 17.03 -0.85
N THR C 227 -23.20 16.43 0.32
CA THR C 227 -24.34 16.07 1.15
C THR C 227 -25.01 17.30 1.75
N PHE C 228 -24.20 18.21 2.27
CA PHE C 228 -24.71 19.48 2.81
C PHE C 228 -25.49 20.25 1.75
N GLU C 229 -24.85 20.51 0.62
CA GLU C 229 -25.44 21.31 -0.44
C GLU C 229 -26.71 20.72 -1.01
N LYS C 230 -26.72 19.41 -1.25
CA LYS C 230 -27.90 18.76 -1.83
C LYS C 230 -29.02 18.64 -0.81
N ARG C 231 -28.67 18.63 0.48
CA ARG C 231 -29.71 18.64 1.52
C ARG C 231 -30.40 20.00 1.51
N ILE C 232 -29.61 21.06 1.41
CA ILE C 232 -30.14 22.40 1.32
C ILE C 232 -31.04 22.53 0.09
N ALA C 233 -30.56 21.98 -1.03
CA ALA C 233 -31.29 22.05 -2.28
C ALA C 233 -32.59 21.25 -2.21
N LEU C 234 -32.51 20.04 -1.68
CA LEU C 234 -33.67 19.16 -1.60
C LEU C 234 -34.65 19.62 -0.53
N ASN C 235 -34.14 20.31 0.49
CA ASN C 235 -35.00 20.93 1.49
C ASN C 235 -35.90 21.97 0.83
N LYS C 236 -35.34 22.73 -0.10
CA LYS C 236 -36.09 23.77 -0.80
C LYS C 236 -37.10 23.17 -1.76
N LEU C 237 -36.76 22.03 -2.35
CA LEU C 237 -37.69 21.30 -3.20
C LEU C 237 -38.93 20.92 -2.40
N ARG C 238 -38.71 20.25 -1.27
CA ARG C 238 -39.78 19.88 -0.36
C ARG C 238 -40.49 21.11 0.22
N ALA C 239 -39.71 22.17 0.46
CA ALA C 239 -40.26 23.39 1.05
C ALA C 239 -41.29 24.03 0.13
N THR C 240 -40.89 24.28 -1.12
CA THR C 240 -41.79 24.88 -2.09
C THR C 240 -43.01 23.99 -2.31
N HIS C 241 -42.80 22.68 -2.21
CA HIS C 241 -43.89 21.73 -2.32
C HIS C 241 -44.89 21.94 -1.20
N LEU C 242 -44.38 22.05 0.03
CA LEU C 242 -45.21 22.22 1.21
C LEU C 242 -46.05 23.49 1.15
N GLN C 243 -45.46 24.58 0.67
CA GLN C 243 -46.18 25.84 0.61
C GLN C 243 -47.22 25.85 -0.50
N ARG C 244 -47.03 25.00 -1.51
CA ARG C 244 -48.07 24.80 -2.52
C ARG C 244 -49.28 24.16 -1.87
N GLN C 245 -49.03 23.21 -0.96
CA GLN C 245 -50.10 22.56 -0.22
C GLN C 245 -50.73 23.50 0.80
N LEU C 246 -49.90 24.35 1.40
CA LEU C 246 -50.36 25.27 2.44
C LEU C 246 -51.33 26.30 1.88
N GLN C 247 -51.15 26.66 0.62
CA GLN C 247 -52.03 27.61 -0.05
C GLN C 247 -53.32 26.94 -0.46
N GLU C 248 -53.20 25.71 -0.95
CA GLU C 248 -54.36 24.93 -1.40
C GLU C 248 -55.27 24.56 -0.23
N LEU C 249 -54.67 24.39 0.95
CA LEU C 249 -55.41 24.05 2.15
C LEU C 249 -55.99 25.28 2.84
N GLN C 250 -55.26 26.39 2.74
CA GLN C 250 -55.69 27.64 3.37
C GLN C 250 -56.98 28.16 2.75
N LYS C 251 -57.26 27.72 1.52
CA LYS C 251 -58.47 28.11 0.82
C LYS C 251 -59.71 27.62 1.56
N MSE C 252 -59.63 26.42 2.13
CA MSE C 252 -60.74 25.84 2.86
C MSE C 252 -60.98 26.58 4.17
O MSE C 252 -62.12 26.87 4.53
CB MSE C 252 -60.49 24.35 3.10
CG MSE C 252 -60.21 23.56 1.82
SE MSE C 252 -59.49 21.78 2.14
CE MSE C 252 -59.12 21.26 0.30
N CYS C 253 -59.88 26.85 4.89
CA CYS C 253 -59.93 27.65 6.10
C CYS C 253 -60.89 27.10 7.14
N ASP D 5 -19.76 -6.71 -14.15
CA ASP D 5 -21.08 -6.80 -13.54
C ASP D 5 -21.56 -5.43 -13.08
N LEU D 6 -22.45 -5.41 -12.09
CA LEU D 6 -23.02 -4.17 -11.59
C LEU D 6 -22.66 -3.93 -10.13
N LEU D 7 -22.63 -2.67 -9.71
CA LEU D 7 -22.25 -2.33 -8.34
C LEU D 7 -22.85 -0.99 -7.91
N VAL D 8 -23.45 -0.96 -6.73
CA VAL D 8 -23.95 0.28 -6.17
C VAL D 8 -22.95 0.87 -5.18
N THR D 9 -22.58 2.13 -5.38
CA THR D 9 -21.65 2.78 -4.49
C THR D 9 -22.30 3.97 -3.79
N ILE D 10 -21.80 4.30 -2.60
CA ILE D 10 -22.33 5.39 -1.80
C ILE D 10 -21.32 5.79 -0.74
N SER D 11 -21.36 7.06 -0.33
CA SER D 11 -20.45 7.54 0.71
C SER D 11 -21.04 7.36 2.09
N GLY D 12 -20.18 7.42 3.11
CA GLY D 12 -20.63 7.38 4.49
C GLY D 12 -21.52 8.57 4.79
N ALA D 13 -21.18 9.72 4.21
CA ALA D 13 -21.98 10.93 4.36
C ALA D 13 -23.42 10.70 3.92
N ALA D 14 -23.60 10.35 2.65
CA ALA D 14 -24.91 10.14 2.08
C ALA D 14 -25.68 9.04 2.82
N LEU D 15 -25.02 7.91 3.05
CA LEU D 15 -25.65 6.80 3.76
C LEU D 15 -26.12 7.23 5.16
N SER D 16 -25.27 7.99 5.85
CA SER D 16 -25.60 8.46 7.21
C SER D 16 -26.83 9.37 7.18
N LEU D 17 -26.94 10.17 6.12
CA LEU D 17 -28.08 11.08 6.00
C LEU D 17 -29.38 10.32 5.75
N LEU D 18 -29.31 9.28 4.93
CA LEU D 18 -30.48 8.44 4.67
C LEU D 18 -30.95 7.77 5.96
N PHE D 19 -30.01 7.17 6.70
CA PHE D 19 -30.34 6.55 7.98
C PHE D 19 -30.89 7.57 8.97
N PHE D 20 -30.36 8.79 8.91
CA PHE D 20 -30.85 9.88 9.76
C PHE D 20 -32.32 10.18 9.49
N GLU D 21 -32.68 10.29 8.21
CA GLU D 21 -34.06 10.58 7.81
C GLU D 21 -35.01 9.44 8.17
N ASN D 22 -34.52 8.21 8.14
CA ASN D 22 -35.31 7.05 8.49
C ASN D 22 -35.68 7.01 9.97
N VAL D 23 -34.68 7.22 10.81
CA VAL D 23 -34.85 7.12 12.26
C VAL D 23 -35.71 8.27 12.83
N ARG D 24 -35.56 9.46 12.27
CA ARG D 24 -36.34 10.61 12.73
C ARG D 24 -37.76 10.59 12.16
N SER D 25 -38.00 9.67 11.24
CA SER D 25 -39.31 9.53 10.63
C SER D 25 -40.36 9.06 11.63
N VAL D 26 -41.50 9.75 11.65
CA VAL D 26 -42.60 9.38 12.53
C VAL D 26 -43.06 7.95 12.26
N GLY D 27 -43.64 7.73 11.08
CA GLY D 27 -44.06 6.40 10.68
C GLY D 27 -43.08 5.80 9.68
N ASN D 28 -43.58 4.88 8.86
CA ASN D 28 -42.76 4.33 7.77
C ASN D 28 -42.44 5.42 6.77
N GLN D 29 -41.44 5.18 5.91
CA GLN D 29 -40.98 6.25 5.03
C GLN D 29 -40.62 5.79 3.63
N MSE D 30 -40.81 6.69 2.67
CA MSE D 30 -40.47 6.44 1.27
C MSE D 30 -39.78 7.67 0.69
O MSE D 30 -39.96 8.78 1.19
CB MSE D 30 -41.73 6.08 0.48
CG MSE D 30 -41.50 5.82 -1.00
SE MSE D 30 -41.75 7.41 -2.11
CE MSE D 30 -43.50 7.93 -1.46
N GLY D 31 -38.98 7.48 -0.35
CA GLY D 31 -38.32 8.59 -1.00
C GLY D 31 -37.60 8.16 -2.27
N PHE D 32 -36.81 9.07 -2.84
CA PHE D 32 -36.12 8.79 -4.08
C PHE D 32 -34.60 8.88 -3.93
N LEU D 33 -33.90 8.07 -4.71
CA LEU D 33 -32.44 8.05 -4.72
C LEU D 33 -31.89 8.89 -5.88
N LEU D 34 -31.00 9.83 -5.56
CA LEU D 34 -30.38 10.65 -6.59
C LEU D 34 -28.91 10.30 -6.75
N GLY D 35 -28.41 10.40 -7.98
CA GLY D 35 -27.04 10.07 -8.28
C GLY D 35 -26.77 9.91 -9.76
N GLU D 36 -25.80 9.07 -10.09
CA GLU D 36 -25.38 8.91 -11.48
C GLU D 36 -24.71 7.57 -11.69
N ALA D 37 -24.82 7.03 -12.90
CA ALA D 37 -24.20 5.76 -13.23
C ALA D 37 -23.04 5.96 -14.18
N LEU D 38 -21.96 5.21 -13.98
CA LEU D 38 -20.82 5.26 -14.87
C LEU D 38 -20.42 3.87 -15.32
N GLU D 39 -19.83 3.79 -16.50
CA GLU D 39 -19.36 2.51 -17.03
C GLU D 39 -17.84 2.48 -17.05
N PHE D 40 -17.27 1.34 -16.69
CA PHE D 40 -15.82 1.18 -16.67
C PHE D 40 -15.41 -0.09 -17.40
N ILE D 41 -14.54 0.08 -18.40
CA ILE D 41 -14.05 -1.03 -19.19
C ILE D 41 -12.96 -1.81 -18.46
N VAL D 42 -13.02 -3.13 -18.56
CA VAL D 42 -12.03 -4.00 -17.92
C VAL D 42 -12.28 -5.46 -18.28
N VAL D 55 -17.18 -4.94 -19.29
CA VAL D 55 -17.70 -3.63 -18.90
C VAL D 55 -18.48 -3.69 -17.60
N LYS D 56 -18.04 -2.93 -16.60
CA LYS D 56 -18.73 -2.86 -15.33
C LYS D 56 -19.37 -1.50 -15.11
N ILE D 57 -20.48 -1.49 -14.39
CA ILE D 57 -21.22 -0.26 -14.16
C ILE D 57 -21.36 0.07 -12.68
N HIS D 58 -20.94 1.27 -12.31
CA HIS D 58 -21.10 1.75 -10.96
C HIS D 58 -22.24 2.74 -10.86
N ILE D 59 -23.23 2.42 -10.05
CA ILE D 59 -24.33 3.34 -9.79
C ILE D 59 -24.11 4.00 -8.44
N ASN D 60 -23.77 5.28 -8.48
CA ASN D 60 -23.50 6.03 -7.25
C ASN D 60 -24.67 6.87 -6.82
N VAL D 61 -25.23 6.55 -5.65
CA VAL D 61 -26.28 7.37 -5.07
C VAL D 61 -25.64 8.52 -4.30
N GLU D 62 -25.91 9.75 -4.74
CA GLU D 62 -25.28 10.94 -4.18
C GLU D 62 -26.09 11.55 -3.05
N ALA D 63 -27.40 11.37 -3.10
CA ALA D 63 -28.27 11.97 -2.12
C ALA D 63 -29.67 11.36 -2.15
N ILE D 64 -30.44 11.61 -1.12
CA ILE D 64 -31.81 11.10 -1.05
C ILE D 64 -32.77 12.23 -0.75
N VAL D 65 -34.04 12.00 -1.02
CA VAL D 65 -35.09 12.94 -0.63
C VAL D 65 -36.34 12.16 -0.25
N THR D 66 -36.99 12.58 0.82
CA THR D 66 -38.18 11.91 1.30
C THR D 66 -39.43 12.55 0.69
N CYS D 67 -40.45 11.73 0.48
CA CYS D 67 -41.71 12.22 -0.05
C CYS D 67 -42.86 11.33 0.41
N PRO D 68 -43.94 11.96 0.89
CA PRO D 68 -45.15 11.23 1.30
C PRO D 68 -45.82 10.52 0.12
N LEU D 69 -45.91 9.19 0.19
CA LEU D 69 -46.52 8.41 -0.87
C LEU D 69 -47.97 8.82 -1.11
N ALA D 70 -48.64 9.25 -0.04
CA ALA D 70 -50.02 9.69 -0.12
C ALA D 70 -50.15 11.01 -0.87
N ASP D 71 -49.01 11.60 -1.21
CA ASP D 71 -48.99 12.85 -1.97
C ASP D 71 -48.66 12.57 -3.44
N LEU D 72 -48.80 11.31 -3.84
CA LEU D 72 -48.47 10.90 -5.21
C LEU D 72 -49.50 9.92 -5.77
N LEU D 73 -50.56 9.64 -5.01
CA LEU D 73 -51.58 8.69 -5.44
C LEU D 73 -52.83 9.40 -5.95
N HIS D 74 -53.62 8.69 -6.75
CA HIS D 74 -54.90 9.22 -7.21
C HIS D 74 -55.92 9.20 -6.08
N THR D 77 -56.04 4.71 -4.39
CA THR D 77 -55.70 3.42 -4.99
C THR D 77 -54.19 3.21 -4.99
N ASN D 78 -53.77 2.05 -5.49
CA ASN D 78 -52.35 1.70 -5.54
C ASN D 78 -51.67 2.31 -6.76
N HIS D 79 -52.46 2.94 -7.63
CA HIS D 79 -51.94 3.54 -8.84
C HIS D 79 -51.23 4.86 -8.54
N ILE D 80 -50.01 5.00 -9.08
CA ILE D 80 -49.25 6.23 -8.92
C ILE D 80 -49.73 7.30 -9.91
N ASN D 81 -49.88 8.52 -9.41
CA ASN D 81 -50.23 9.66 -10.27
C ASN D 81 -48.98 10.29 -10.87
N LYS D 82 -48.67 9.93 -12.11
CA LYS D 82 -47.46 10.39 -12.78
C LYS D 82 -47.41 11.90 -12.92
N GLU D 83 -48.56 12.55 -12.79
CA GLU D 83 -48.61 14.01 -12.85
C GLU D 83 -48.07 14.63 -11.57
N LYS D 84 -48.63 14.20 -10.43
CA LYS D 84 -48.22 14.73 -9.13
C LYS D 84 -46.77 14.36 -8.82
N LEU D 85 -46.29 13.27 -9.42
CA LEU D 85 -44.91 12.85 -9.25
C LEU D 85 -43.95 13.85 -9.88
N LYS D 86 -44.29 14.31 -11.08
CA LYS D 86 -43.48 15.31 -11.78
C LYS D 86 -43.49 16.64 -11.03
N ASP D 87 -44.63 16.97 -10.45
CA ASP D 87 -44.77 18.21 -9.70
C ASP D 87 -43.84 18.25 -8.49
N PHE D 88 -43.63 17.10 -7.87
CA PHE D 88 -42.78 17.01 -6.69
C PHE D 88 -41.30 17.05 -7.06
N VAL D 89 -40.86 16.07 -7.83
CA VAL D 89 -39.45 15.95 -8.22
C VAL D 89 -38.99 17.23 -8.91
N ARG D 90 -39.76 17.70 -9.87
CA ARG D 90 -39.62 19.05 -10.42
C ARG D 90 -38.20 19.39 -10.87
N ASP D 91 -37.86 18.99 -12.09
CA ASP D 91 -36.58 19.31 -12.72
C ASP D 91 -35.44 18.38 -12.26
N LYS D 92 -35.53 17.86 -11.04
CA LYS D 92 -34.51 16.99 -10.51
C LYS D 92 -34.80 15.52 -10.86
N SER D 93 -35.76 15.32 -11.75
CA SER D 93 -36.11 13.98 -12.22
C SER D 93 -34.93 13.33 -12.93
N LYS D 94 -34.12 14.16 -13.57
CA LYS D 94 -32.95 13.69 -14.30
C LYS D 94 -32.00 12.90 -13.39
N GLN D 95 -31.82 13.40 -12.17
CA GLN D 95 -30.87 12.82 -11.23
C GLN D 95 -31.39 11.55 -10.56
N VAL D 96 -32.68 11.30 -10.67
CA VAL D 96 -33.30 10.17 -9.99
C VAL D 96 -32.85 8.83 -10.58
N ILE D 97 -32.30 7.97 -9.73
CA ILE D 97 -31.79 6.68 -10.17
C ILE D 97 -32.44 5.52 -9.42
N GLY D 98 -33.37 5.82 -8.53
CA GLY D 98 -34.07 4.79 -7.79
C GLY D 98 -35.00 5.35 -6.74
N TRP D 99 -35.51 4.45 -5.89
CA TRP D 99 -36.37 4.84 -4.79
C TRP D 99 -36.10 3.95 -3.58
N PHE D 100 -36.45 4.42 -2.39
CA PHE D 100 -36.23 3.65 -1.18
C PHE D 100 -37.49 3.58 -0.32
N CYS D 101 -37.63 2.47 0.41
CA CYS D 101 -38.74 2.29 1.34
C CYS D 101 -38.22 1.81 2.68
N PHE D 102 -38.59 2.54 3.74
CA PHE D 102 -38.13 2.21 5.09
C PHE D 102 -39.27 1.71 5.96
N ARG D 103 -39.15 0.49 6.47
CA ARG D 103 -40.16 -0.08 7.35
C ARG D 103 -39.58 -0.34 8.74
N ARG D 104 -40.43 -0.30 9.75
CA ARG D 104 -39.99 -0.40 11.14
C ARG D 104 -40.22 -1.78 11.75
N ASN D 105 -39.33 -2.16 12.67
CA ASN D 105 -39.47 -3.37 13.46
C ASN D 105 -39.34 -4.66 12.65
N THR D 106 -40.09 -4.75 11.56
CA THR D 106 -40.04 -5.92 10.70
C THR D 106 -38.62 -6.18 10.20
N THR D 107 -37.97 -7.20 10.76
CA THR D 107 -36.62 -7.58 10.34
C THR D 107 -36.67 -8.18 8.94
N ASN D 108 -37.89 -8.40 8.44
CA ASN D 108 -38.10 -8.88 7.08
C ASN D 108 -37.49 -7.93 6.05
N LEU D 109 -36.78 -8.50 5.09
CA LEU D 109 -36.15 -7.70 4.05
C LEU D 109 -36.50 -8.24 2.66
N THR D 110 -37.76 -8.60 2.48
CA THR D 110 -38.23 -9.14 1.21
C THR D 110 -39.18 -8.18 0.50
N LEU D 111 -39.18 -8.24 -0.83
CA LEU D 111 -40.04 -7.38 -1.63
C LEU D 111 -41.49 -7.85 -1.58
N THR D 112 -42.39 -6.94 -1.21
CA THR D 112 -43.82 -7.23 -1.24
C THR D 112 -44.37 -6.95 -2.63
N LEU D 113 -45.66 -7.23 -2.84
CA LEU D 113 -46.28 -7.01 -4.13
C LEU D 113 -46.41 -5.52 -4.45
N LYS D 114 -46.78 -4.74 -3.46
CA LYS D 114 -46.93 -3.29 -3.64
C LYS D 114 -45.59 -2.66 -3.99
N ASP D 115 -44.51 -3.22 -3.45
CA ASP D 115 -43.17 -2.72 -3.72
C ASP D 115 -42.81 -2.88 -5.19
N LYS D 116 -42.93 -4.10 -5.70
CA LYS D 116 -42.62 -4.40 -7.09
C LYS D 116 -43.42 -3.52 -8.03
N LEU D 117 -44.68 -3.28 -7.68
CA LEU D 117 -45.56 -2.44 -8.48
C LEU D 117 -45.07 -0.99 -8.48
N LEU D 118 -44.55 -0.55 -7.34
CA LEU D 118 -44.05 0.82 -7.22
C LEU D 118 -42.69 0.97 -7.92
N HIS D 119 -41.85 -0.05 -7.81
CA HIS D 119 -40.57 -0.05 -8.51
C HIS D 119 -40.77 -0.02 -10.03
N LYS D 120 -41.72 -0.81 -10.53
CA LYS D 120 -42.04 -0.82 -11.94
C LYS D 120 -42.56 0.54 -12.41
N GLN D 121 -43.51 1.09 -11.66
CA GLN D 121 -44.08 2.40 -11.99
C GLN D 121 -43.02 3.49 -11.98
N PHE D 122 -42.25 3.57 -10.90
CA PHE D 122 -41.20 4.57 -10.77
C PHE D 122 -40.12 4.39 -11.83
N ALA D 123 -39.73 3.14 -12.06
CA ALA D 123 -38.66 2.83 -13.01
C ALA D 123 -39.03 3.26 -14.43
N SER D 124 -40.31 3.10 -14.79
CA SER D 124 -40.76 3.49 -16.11
C SER D 124 -40.82 5.00 -16.28
N HIS D 125 -41.17 5.69 -15.19
CA HIS D 125 -41.38 7.14 -15.24
C HIS D 125 -40.07 7.91 -15.39
N PHE D 126 -39.03 7.47 -14.70
CA PHE D 126 -37.75 8.17 -14.73
C PHE D 126 -36.82 7.61 -15.80
N SER D 127 -37.21 6.50 -16.43
CA SER D 127 -36.40 5.89 -17.47
C SER D 127 -36.53 6.64 -18.78
N GLY D 128 -35.62 6.36 -19.71
CA GLY D 128 -35.66 6.97 -21.02
C GLY D 128 -34.39 7.72 -21.38
N VAL D 129 -34.41 8.34 -22.55
CA VAL D 129 -33.26 9.08 -23.07
C VAL D 129 -32.80 10.17 -22.11
N ASN D 130 -33.76 10.88 -21.51
CA ASN D 130 -33.45 12.01 -20.64
C ASN D 130 -32.97 11.56 -19.26
N GLY D 131 -33.66 10.59 -18.67
CA GLY D 131 -33.38 10.16 -17.31
C GLY D 131 -32.32 9.08 -17.21
N CYS D 132 -32.61 8.07 -16.40
CA CYS D 132 -31.68 6.96 -16.20
C CYS D 132 -32.12 5.75 -17.01
N LYS D 133 -31.28 4.72 -17.03
CA LYS D 133 -31.61 3.49 -17.73
C LYS D 133 -32.55 2.62 -16.89
N GLU D 134 -33.50 1.98 -17.55
CA GLU D 134 -34.53 1.21 -16.86
C GLU D 134 -33.92 -0.06 -16.24
N ASP D 135 -32.90 -0.59 -16.89
CA ASP D 135 -32.19 -1.75 -16.38
C ASP D 135 -31.40 -1.41 -15.11
N PHE D 136 -31.22 -0.11 -14.86
CA PHE D 136 -30.38 0.34 -13.76
C PHE D 136 -31.16 1.05 -12.66
N PHE D 137 -32.48 1.01 -12.74
CA PHE D 137 -33.29 1.63 -11.69
C PHE D 137 -33.28 0.76 -10.44
N LEU D 138 -33.00 1.38 -9.30
CA LEU D 138 -32.82 0.65 -8.05
C LEU D 138 -33.99 0.79 -7.10
N THR D 139 -34.32 -0.30 -6.42
CA THR D 139 -35.19 -0.24 -5.26
C THR D 139 -34.38 -0.54 -4.02
N CYS D 140 -34.38 0.39 -3.07
CA CYS D 140 -33.64 0.20 -1.84
C CYS D 140 -34.59 -0.05 -0.66
N LEU D 141 -34.50 -1.24 -0.08
CA LEU D 141 -35.31 -1.58 1.08
C LEU D 141 -34.50 -1.43 2.37
N LEU D 142 -35.10 -0.78 3.36
CA LEU D 142 -34.46 -0.61 4.65
C LEU D 142 -35.44 -0.89 5.78
N ASN D 143 -34.97 -1.58 6.81
CA ASN D 143 -35.79 -1.83 7.98
C ASN D 143 -35.04 -1.50 9.27
N ALA D 144 -35.79 -1.36 10.35
CA ALA D 144 -35.21 -1.08 11.65
C ALA D 144 -35.93 -1.87 12.73
N SER D 145 -35.23 -2.84 13.32
CA SER D 145 -35.80 -3.64 14.39
C SER D 145 -35.14 -3.30 15.73
N THR D 146 -35.70 -3.86 16.80
CA THR D 146 -35.16 -3.61 18.13
C THR D 146 -35.47 -4.78 19.06
N SER D 147 -34.51 -5.12 19.92
CA SER D 147 -34.68 -6.21 20.87
C SER D 147 -35.77 -5.87 21.89
N GLU D 148 -36.17 -6.87 22.66
CA GLU D 148 -37.23 -6.69 23.64
C GLU D 148 -36.83 -5.63 24.68
N THR D 149 -35.59 -5.70 25.14
CA THR D 149 -35.07 -4.73 26.09
C THR D 149 -34.84 -3.39 25.41
N SER D 150 -34.79 -3.42 24.07
CA SER D 150 -34.53 -2.23 23.27
C SER D 150 -33.11 -1.70 23.50
N GLY D 151 -32.19 -2.61 23.79
CA GLY D 151 -30.82 -2.23 24.04
C GLY D 151 -29.95 -2.42 22.81
N THR D 152 -30.46 -3.19 21.85
CA THR D 152 -29.74 -3.42 20.60
C THR D 152 -30.64 -3.13 19.41
N HIS D 153 -30.16 -2.27 18.51
CA HIS D 153 -30.94 -1.87 17.35
C HIS D 153 -30.31 -2.43 16.07
N LYS D 154 -31.11 -3.14 15.28
CA LYS D 154 -30.63 -3.77 14.05
C LYS D 154 -31.12 -3.04 12.81
N PHE D 155 -30.17 -2.54 12.02
CA PHE D 155 -30.51 -1.88 10.77
C PHE D 155 -30.06 -2.72 9.59
N ARG D 156 -31.01 -3.10 8.74
CA ARG D 156 -30.73 -3.93 7.59
C ARG D 156 -31.21 -3.23 6.32
N HIS D 157 -30.45 -3.38 5.24
CA HIS D 157 -30.81 -2.77 3.97
C HIS D 157 -30.22 -3.55 2.79
N VAL D 158 -30.79 -3.33 1.61
CA VAL D 158 -30.32 -4.01 0.42
C VAL D 158 -30.77 -3.29 -0.85
N PHE D 159 -29.91 -3.28 -1.86
CA PHE D 159 -30.30 -2.72 -3.15
C PHE D 159 -30.74 -3.82 -4.12
N LEU D 160 -31.76 -3.52 -4.92
CA LEU D 160 -32.35 -4.52 -5.79
C LEU D 160 -32.61 -3.98 -7.19
N ARG D 161 -32.72 -4.88 -8.15
CA ARG D 161 -33.06 -4.52 -9.52
C ARG D 161 -33.82 -5.64 -10.20
N HIS D 162 -34.53 -5.31 -11.28
CA HIS D 162 -35.32 -6.28 -12.03
C HIS D 162 -34.56 -6.70 -13.30
N ASN D 163 -34.00 -7.90 -13.27
CA ASN D 163 -33.17 -8.38 -14.37
C ASN D 163 -33.97 -8.61 -15.66
N ARG D 165 -34.43 -11.46 -16.94
CA ARG D 165 -35.50 -12.45 -16.89
C ARG D 165 -36.81 -11.83 -16.40
N GLY D 166 -37.13 -12.08 -15.14
CA GLY D 166 -38.34 -11.54 -14.54
C GLY D 166 -38.35 -11.74 -13.03
N MSE D 167 -37.15 -11.85 -12.47
CA MSE D 167 -37.00 -12.09 -11.03
C MSE D 167 -35.94 -11.17 -10.44
O MSE D 167 -34.80 -11.17 -10.89
CB MSE D 167 -36.65 -13.55 -10.78
CG MSE D 167 -36.50 -13.92 -9.32
SE MSE D 167 -36.22 -15.83 -9.07
CE MSE D 167 -35.96 -15.87 -7.14
N PHE D 168 -36.33 -10.38 -9.45
CA PHE D 168 -35.43 -9.40 -8.83
C PHE D 168 -34.18 -10.05 -8.25
N GLU D 169 -33.05 -9.37 -8.37
CA GLU D 169 -31.79 -9.85 -7.81
C GLU D 169 -31.09 -8.75 -7.00
N PRO D 170 -30.52 -9.12 -5.85
CA PRO D 170 -29.82 -8.14 -5.02
C PRO D 170 -28.50 -7.72 -5.65
N ILE D 171 -28.25 -6.42 -5.71
CA ILE D 171 -27.01 -5.92 -6.29
C ILE D 171 -26.05 -5.49 -5.19
N SER D 172 -24.77 -5.80 -5.37
CA SER D 172 -23.75 -5.51 -4.38
C SER D 172 -23.67 -4.02 -4.04
N LEU D 173 -23.44 -3.73 -2.77
CA LEU D 173 -23.26 -2.35 -2.32
C LEU D 173 -21.88 -2.13 -1.71
N LYS D 174 -21.16 -1.15 -2.24
CA LYS D 174 -19.84 -0.80 -1.70
C LYS D 174 -19.90 0.59 -1.07
N ILE D 175 -19.79 0.63 0.26
CA ILE D 175 -19.71 1.92 0.94
C ILE D 175 -18.28 2.44 0.86
N ASN D 176 -18.06 3.43 0.00
CA ASN D 176 -16.74 4.01 -0.18
C ASN D 176 -16.19 4.63 1.09
N ASN D 177 -15.02 4.16 1.51
CA ASN D 177 -14.40 4.63 2.73
C ASN D 177 -12.88 4.74 2.60
N LEU D 178 -12.23 5.17 3.66
CA LEU D 178 -10.80 5.40 3.66
C LEU D 178 -10.01 4.12 3.44
N GLY D 179 -10.60 3.00 3.89
CA GLY D 179 -9.93 1.72 3.80
C GLY D 179 -10.02 1.12 2.42
N ASP D 180 -11.20 1.19 1.82
CA ASP D 180 -11.42 0.64 0.49
C ASP D 180 -12.56 1.36 -0.20
N ASP D 181 -12.46 1.50 -1.52
CA ASP D 181 -13.52 2.14 -2.30
C ASP D 181 -13.66 1.46 -3.65
N ALA D 182 -14.79 1.72 -4.33
CA ALA D 182 -15.11 1.02 -5.58
C ALA D 182 -14.08 1.26 -6.67
N SER D 183 -13.28 2.31 -6.53
CA SER D 183 -12.31 2.70 -7.57
C SER D 183 -11.11 1.76 -7.63
N ARG D 184 -10.89 0.99 -6.56
CA ARG D 184 -9.79 0.05 -6.51
C ARG D 184 -10.19 -1.31 -7.05
N HIS D 185 -9.89 -1.55 -8.33
CA HIS D 185 -10.19 -2.83 -8.95
C HIS D 185 -9.26 -3.09 -10.13
N SER D 188 -4.72 -2.23 -7.97
CA SER D 188 -4.19 -1.45 -9.08
C SER D 188 -3.75 -0.06 -8.64
N ASP D 189 -4.56 0.56 -7.77
CA ASP D 189 -4.30 1.88 -7.22
C ASP D 189 -4.64 3.02 -8.19
N TYR D 190 -4.53 2.74 -9.49
CA TYR D 190 -4.89 3.73 -10.50
C TYR D 190 -6.39 3.90 -10.62
N LYS D 191 -6.82 5.15 -10.79
CA LYS D 191 -8.23 5.46 -11.04
C LYS D 191 -8.54 5.36 -12.54
N PRO D 192 -9.26 4.31 -12.93
CA PRO D 192 -9.60 4.12 -14.35
C PRO D 192 -10.56 5.20 -14.86
N THR D 193 -10.32 5.67 -16.08
CA THR D 193 -11.19 6.66 -16.70
C THR D 193 -12.53 6.05 -17.11
N PRO D 194 -13.61 6.82 -16.98
CA PRO D 194 -14.95 6.37 -17.36
C PRO D 194 -15.21 6.63 -18.82
N VAL D 195 -16.26 6.03 -19.38
CA VAL D 195 -16.68 6.35 -20.73
C VAL D 195 -17.56 7.59 -20.72
N ARG D 196 -17.70 8.23 -21.88
CA ARG D 196 -18.51 9.44 -22.02
C ARG D 196 -18.00 10.55 -21.10
N THR D 201 -22.58 18.76 -16.71
CA THR D 201 -23.32 19.18 -15.53
C THR D 201 -22.44 19.14 -14.28
N PRO D 202 -21.55 20.12 -14.14
CA PRO D 202 -20.58 20.19 -13.03
C PRO D 202 -21.26 20.32 -11.67
N ASP D 203 -20.88 19.47 -10.73
CA ASP D 203 -21.42 19.57 -9.37
C ASP D 203 -20.84 20.79 -8.68
N SER D 204 -21.17 20.98 -7.41
CA SER D 204 -20.70 22.15 -6.68
C SER D 204 -19.21 22.05 -6.37
N PHE D 205 -18.70 20.83 -6.21
CA PHE D 205 -17.29 20.65 -5.88
C PHE D 205 -16.40 20.87 -7.10
N THR D 206 -16.85 20.37 -8.25
CA THR D 206 -16.14 20.62 -9.51
C THR D 206 -16.08 22.11 -9.80
N LYS D 207 -17.13 22.83 -9.38
CA LYS D 207 -17.17 24.27 -9.52
C LYS D 207 -16.10 24.94 -8.66
N LEU D 208 -15.98 24.48 -7.42
CA LEU D 208 -14.99 25.01 -6.49
C LEU D 208 -13.57 24.78 -7.01
N ILE D 209 -13.35 23.62 -7.62
CA ILE D 209 -12.05 23.27 -8.18
C ILE D 209 -11.65 24.26 -9.27
N GLU D 210 -12.53 24.42 -10.26
CA GLU D 210 -12.30 25.33 -11.37
C GLU D 210 -12.13 26.77 -10.87
N SER D 211 -12.80 27.05 -9.75
CA SER D 211 -12.71 28.36 -9.11
C SER D 211 -11.27 28.73 -8.75
N LEU D 212 -10.44 27.71 -8.57
CA LEU D 212 -9.05 27.92 -8.19
C LEU D 212 -8.16 28.16 -9.40
N ASN D 213 -8.69 27.80 -10.58
CA ASN D 213 -7.97 28.02 -11.84
C ASN D 213 -6.60 27.37 -11.86
N LEU D 214 -6.51 26.16 -11.33
CA LEU D 214 -5.26 25.43 -11.27
C LEU D 214 -4.86 24.93 -12.67
N ASP D 215 -3.65 24.38 -12.76
CA ASP D 215 -3.16 23.83 -14.04
C ASP D 215 -3.00 22.32 -13.96
N ARG D 218 2.87 15.06 -10.12
CA ARG D 218 3.77 16.21 -10.25
C ARG D 218 3.91 16.94 -8.92
N ILE D 219 5.09 17.54 -8.69
CA ILE D 219 5.34 18.30 -7.47
C ILE D 219 4.38 19.48 -7.39
N ASP D 220 3.87 19.90 -8.54
CA ASP D 220 2.82 20.91 -8.60
C ASP D 220 1.50 20.25 -8.26
N GLY D 221 1.48 18.91 -8.30
CA GLY D 221 0.32 18.15 -7.91
C GLY D 221 0.04 18.31 -6.44
N LEU D 222 1.10 18.51 -5.66
CA LEU D 222 0.96 18.73 -4.22
C LEU D 222 0.30 20.07 -3.93
N ASP D 223 0.84 21.13 -4.51
CA ASP D 223 0.30 22.49 -4.34
C ASP D 223 -1.18 22.54 -4.72
N SER D 224 -1.54 21.81 -5.76
CA SER D 224 -2.93 21.71 -6.18
C SER D 224 -3.76 21.04 -5.09
N ALA D 225 -3.22 19.98 -4.51
CA ALA D 225 -3.92 19.20 -3.50
C ALA D 225 -4.19 20.02 -2.23
N MSE D 226 -3.17 20.74 -1.78
CA MSE D 226 -3.29 21.55 -0.57
C MSE D 226 -4.29 22.68 -0.73
O MSE D 226 -5.09 22.95 0.16
CB MSE D 226 -1.92 22.12 -0.18
CG MSE D 226 -0.83 21.07 -0.05
SE MSE D 226 0.91 21.87 0.27
CE MSE D 226 0.57 22.66 2.01
N LEU D 227 -4.25 23.33 -1.89
CA LEU D 227 -5.18 24.43 -2.17
C LEU D 227 -6.61 23.94 -2.22
N ILE D 228 -6.83 22.79 -2.85
CA ILE D 228 -8.15 22.18 -2.91
C ILE D 228 -8.65 21.84 -1.51
N GLN D 229 -7.74 21.35 -0.68
CA GLN D 229 -8.06 20.99 0.69
C GLN D 229 -8.55 22.21 1.48
N LYS D 230 -7.83 23.32 1.34
CA LYS D 230 -8.18 24.55 2.05
C LYS D 230 -9.48 25.16 1.54
N ALA D 231 -9.63 25.20 0.21
CA ALA D 231 -10.86 25.69 -0.39
C ALA D 231 -12.05 24.88 0.08
N ALA D 232 -11.90 23.56 0.05
CA ALA D 232 -12.97 22.65 0.48
C ALA D 232 -13.33 22.89 1.93
N GLU D 233 -12.32 22.98 2.79
CA GLU D 233 -12.54 23.22 4.22
C GLU D 233 -13.32 24.52 4.45
N HIS D 234 -12.87 25.59 3.80
CA HIS D 234 -13.51 26.88 3.96
C HIS D 234 -14.94 26.87 3.42
N HIS D 235 -15.14 26.19 2.30
CA HIS D 235 -16.45 26.14 1.66
C HIS D 235 -17.43 25.31 2.48
N LEU D 236 -16.93 24.23 3.06
CA LEU D 236 -17.73 23.35 3.90
C LEU D 236 -18.24 24.07 5.14
N MSE D 237 -17.43 24.99 5.65
CA MSE D 237 -17.77 25.69 6.89
C MSE D 237 -18.82 26.77 6.66
O MSE D 237 -19.58 27.12 7.57
CB MSE D 237 -16.51 26.32 7.50
CG MSE D 237 -16.37 26.08 8.99
SE MSE D 237 -16.22 24.18 9.41
CE MSE D 237 -16.06 24.32 11.36
N SER D 238 -18.87 27.31 5.45
CA SER D 238 -19.85 28.35 5.11
C SER D 238 -21.20 27.74 4.77
N LEU D 239 -21.24 26.42 4.71
CA LEU D 239 -22.47 25.70 4.40
C LEU D 239 -23.28 25.36 5.65
N ILE D 240 -22.56 25.17 6.76
CA ILE D 240 -23.18 24.82 8.03
C ILE D 240 -24.32 25.77 8.43
N PRO D 241 -24.10 27.09 8.32
CA PRO D 241 -25.15 28.05 8.65
C PRO D 241 -26.30 28.02 7.64
N LYS D 242 -25.98 27.79 6.36
CA LYS D 242 -27.00 27.70 5.33
C LYS D 242 -27.86 26.44 5.53
N VAL D 243 -27.22 25.33 5.85
CA VAL D 243 -27.93 24.08 6.09
C VAL D 243 -28.89 24.20 7.26
N CYS D 244 -28.46 24.89 8.31
CA CYS D 244 -29.30 25.10 9.48
C CYS D 244 -30.58 25.87 9.13
N GLU D 245 -30.44 26.91 8.32
CA GLU D 245 -31.58 27.77 8.02
C GLU D 245 -32.58 27.06 7.11
N SER D 246 -32.07 26.17 6.24
CA SER D 246 -32.95 25.42 5.37
C SER D 246 -33.74 24.38 6.17
N ASP D 247 -33.07 23.74 7.13
N ASP D 247 -33.07 23.74 7.13
CA ASP D 247 -33.72 22.75 7.97
CA ASP D 247 -33.72 22.75 7.97
C ASP D 247 -34.84 23.35 8.81
C ASP D 247 -34.84 23.35 8.81
N LEU D 248 -34.66 24.61 9.21
CA LEU D 248 -35.66 25.29 10.02
C LEU D 248 -36.86 25.70 9.17
N GLU D 249 -36.58 26.17 7.96
CA GLU D 249 -37.64 26.57 7.03
C GLU D 249 -38.54 25.40 6.69
N VAL D 250 -37.93 24.29 6.30
CA VAL D 250 -38.69 23.12 5.87
C VAL D 250 -39.40 22.46 7.06
N ALA D 251 -38.78 22.53 8.23
CA ALA D 251 -39.37 21.93 9.42
C ALA D 251 -40.54 22.77 9.92
N GLU D 252 -40.47 24.08 9.69
CA GLU D 252 -41.54 24.97 10.09
C GLU D 252 -42.77 24.75 9.20
N LEU D 253 -42.52 24.67 7.90
CA LEU D 253 -43.59 24.45 6.93
C LEU D 253 -44.27 23.11 7.13
N GLU D 254 -43.50 22.10 7.50
CA GLU D 254 -44.04 20.78 7.79
C GLU D 254 -45.06 20.86 8.91
N LYS D 255 -44.69 21.53 10.00
CA LYS D 255 -45.56 21.70 11.15
C LYS D 255 -46.85 22.43 10.79
N GLN D 256 -46.74 23.49 10.00
CA GLN D 256 -47.89 24.29 9.60
C GLN D 256 -48.89 23.50 8.76
N VAL D 257 -48.37 22.71 7.82
CA VAL D 257 -49.21 21.92 6.95
C VAL D 257 -49.90 20.79 7.72
N HIS D 258 -49.14 20.15 8.61
CA HIS D 258 -49.67 19.04 9.40
C HIS D 258 -50.83 19.49 10.29
N GLU D 259 -50.69 20.65 10.92
CA GLU D 259 -51.71 21.18 11.82
C GLU D 259 -52.91 21.70 11.05
N LEU D 260 -52.66 22.35 9.92
CA LEU D 260 -53.73 22.88 9.08
C LEU D 260 -54.63 21.76 8.58
N LYS D 261 -54.02 20.68 8.10
CA LYS D 261 -54.76 19.48 7.71
C LYS D 261 -55.68 19.03 8.83
N ILE D 262 -55.10 18.83 10.01
CA ILE D 262 -55.84 18.43 11.20
C ILE D 262 -56.96 19.41 11.52
N LYS D 263 -56.66 20.70 11.39
CA LYS D 263 -57.63 21.76 11.67
C LYS D 263 -58.88 21.60 10.82
N ILE D 264 -58.70 21.53 9.52
CA ILE D 264 -59.84 21.46 8.60
C ILE D 264 -60.45 20.06 8.61
N ALA D 265 -59.67 19.08 9.03
CA ALA D 265 -60.18 17.72 9.14
C ALA D 265 -61.16 17.62 10.29
N THR D 266 -60.82 18.25 11.42
CA THR D 266 -61.71 18.28 12.58
C THR D 266 -62.94 19.13 12.29
N GLN D 267 -62.78 20.13 11.43
CA GLN D 267 -63.88 20.99 11.02
C GLN D 267 -64.85 20.23 10.12
N GLN D 268 -64.30 19.58 9.09
CA GLN D 268 -65.09 18.81 8.14
C GLN D 268 -65.82 17.66 8.83
N LEU D 269 -65.19 17.10 9.87
CA LEU D 269 -65.77 15.99 10.61
C LEU D 269 -66.93 16.48 11.47
N ALA D 270 -67.01 17.78 11.67
CA ALA D 270 -68.06 18.39 12.48
C ALA D 270 -69.24 18.81 11.62
N LYS D 271 -68.97 19.15 10.36
CA LYS D 271 -70.01 19.59 9.43
C LYS D 271 -70.07 18.69 8.21
ZN ZN E . 8.07 -22.55 -8.79
C1 GOL F . 11.25 -8.90 -12.41
O1 GOL F . 10.67 -8.08 -11.42
C2 GOL F . 10.38 -9.07 -13.65
O2 GOL F . 10.14 -10.45 -13.88
C3 GOL F . 9.05 -8.33 -13.52
O3 GOL F . 8.28 -8.51 -14.69
H11 GOL F . 12.22 -8.47 -12.70
H12 GOL F . 11.46 -9.89 -11.97
HO1 GOL F . 11.24 -8.06 -10.63
H2 GOL F . 10.91 -8.66 -14.50
HO2 GOL F . 9.62 -10.82 -13.14
H31 GOL F . 8.50 -8.72 -12.66
H32 GOL F . 9.23 -7.27 -13.35
HO3 GOL F . 7.42 -8.05 -14.58
C1 GOL G . 30.73 -24.74 -3.91
O1 GOL G . 30.32 -24.86 -2.56
C2 GOL G . 30.17 -23.45 -4.52
O2 GOL G . 31.21 -22.76 -5.19
C3 GOL G . 29.04 -23.73 -5.51
O3 GOL G . 27.81 -23.76 -4.83
H11 GOL G . 31.81 -24.75 -3.97
H12 GOL G . 30.36 -25.60 -4.47
HO1 GOL G . 30.62 -25.71 -2.20
H2 GOL G . 29.78 -22.83 -3.72
HO2 GOL G . 31.53 -23.31 -5.95
H31 GOL G . 29.02 -22.94 -6.27
H32 GOL G . 29.22 -24.68 -6.01
HO3 GOL G . 27.25 -23.00 -5.11
#